data_6AGX
#
_entry.id   6AGX
#
_cell.length_a   88.317
_cell.length_b   78.270
_cell.length_c   99.251
_cell.angle_alpha   90.000
_cell.angle_beta   96.470
_cell.angle_gamma   90.000
#
_symmetry.space_group_name_H-M   'P 1 21 1'
#
loop_
_entity.id
_entity.type
_entity.pdbx_description
1 polymer 'Fibroblast growth factor receptor 2'
2 non-polymer 'ethyl [4-({3-[2-(3,5-dimethoxyphenyl)ethyl]-5H-pyrrolo[2,3-b]pyrazin-5-yl}sulfonyl)-1H-imidazol-1-yl]acetate'
#
_entity_poly.entity_id   1
_entity_poly.type   'polypeptide(L)'
_entity_poly.pdbx_seq_one_letter_code
;ELPEDPKWEFPRDKLTLGKPLGEGCFGQVVMAEAVGIDKDKPKEAVTVAVKMLKDDATEKDLSDLVSEMEMMKMIGKHKN
IINLLGACTQDGPLYVIVEYASKGNLREYLRARRPPGME(PTR)S(PTR)DINRVPEEQMTFKDLVSCTYQLARGMEYLA
SQKCIHRDLTARNVLVTENNVMKIADFGLARDINNID(PTR)(PTR)KKTTNGRLPVKWMAPEALFDRVYTHQSDVWSFG
VLMWEIFTLGGSPYPGIPVEELFKLLKEGHRMDKPANCTNELYMMMRDCWHAVPSQRPTFKQLVEDLDRILTLT
;
_entity_poly.pdbx_strand_id   A,B,C,D
#
loop_
_chem_comp.id
_chem_comp.type
_chem_comp.name
_chem_comp.formula
9WX non-polymer 'ethyl [4-({3-[2-(3,5-dimethoxyphenyl)ethyl]-5H-pyrrolo[2,3-b]pyrazin-5-yl}sulfonyl)-1H-imidazol-1-yl]acetate' 'C23 H25 N5 O6 S'
#
# COMPACT_ATOMS: atom_id res chain seq x y z
N GLU A 1 3.84 28.52 15.96
CA GLU A 1 4.91 29.23 15.20
C GLU A 1 5.10 28.60 13.82
N LEU A 2 5.10 27.26 13.78
CA LEU A 2 5.09 26.47 12.54
C LEU A 2 3.65 26.14 12.16
N PRO A 3 3.21 26.39 10.90
CA PRO A 3 1.79 26.31 10.54
C PRO A 3 1.24 24.87 10.59
N GLU A 4 -0.08 24.76 10.73
CA GLU A 4 -0.70 23.46 11.04
C GLU A 4 -0.99 22.73 9.73
N ASP A 5 -0.87 21.39 9.78
CA ASP A 5 -1.25 20.49 8.69
C ASP A 5 -1.85 19.23 9.29
N PRO A 6 -3.18 19.21 9.55
CA PRO A 6 -3.83 18.09 10.23
C PRO A 6 -3.66 16.72 9.55
N LYS A 7 -3.46 16.70 8.23
CA LYS A 7 -3.30 15.47 7.46
C LYS A 7 -2.12 14.65 8.01
N TRP A 8 -1.00 15.33 8.30
CA TRP A 8 0.27 14.69 8.66
C TRP A 8 0.53 14.69 10.18
N GLU A 9 -0.08 15.64 10.90
CA GLU A 9 0.16 15.85 12.34
C GLU A 9 -0.07 14.55 13.12
N PHE A 10 0.86 14.26 14.03
CA PHE A 10 0.78 13.10 14.91
C PHE A 10 0.85 13.58 16.35
N PRO A 11 -0.01 13.08 17.27
CA PRO A 11 0.00 13.49 18.67
C PRO A 11 1.30 13.07 19.39
N ARG A 12 1.86 14.00 20.17
CA ARG A 12 3.18 13.84 20.78
C ARG A 12 3.15 12.75 21.88
N ASP A 13 2.03 12.62 22.57
CA ASP A 13 1.92 11.76 23.75
C ASP A 13 2.03 10.29 23.36
N LYS A 14 1.72 9.94 22.10
CA LYS A 14 1.74 8.57 21.59
C LYS A 14 3.14 8.16 21.10
N LEU A 15 3.94 9.16 20.67
CA LEU A 15 5.34 8.93 20.27
C LEU A 15 6.21 8.71 21.52
N THR A 16 7.12 7.73 21.45
CA THR A 16 8.04 7.39 22.54
C THR A 16 9.46 7.29 21.97
N LEU A 17 10.32 8.24 22.36
CA LEU A 17 11.68 8.37 21.83
C LEU A 17 12.56 7.22 22.35
N GLY A 18 13.64 6.95 21.62
CA GLY A 18 14.58 5.88 21.96
C GLY A 18 16.00 6.24 21.57
N LYS A 19 16.81 5.21 21.30
CA LYS A 19 18.24 5.36 21.10
C LYS A 19 18.51 6.19 19.85
N PRO A 20 19.56 7.05 19.86
CA PRO A 20 19.98 7.77 18.64
C PRO A 20 20.56 6.82 17.59
N LEU A 21 20.03 6.89 16.37
CA LEU A 21 20.47 6.07 15.25
C LEU A 21 21.76 6.66 14.66
N GLY A 22 21.86 7.99 14.63
CA GLY A 22 23.07 8.68 14.20
C GLY A 22 22.90 10.19 14.09
N GLU A 23 24.01 10.90 14.28
CA GLU A 23 24.09 12.35 14.15
C GLU A 23 24.87 12.69 12.88
N GLY A 24 24.16 13.28 11.90
CA GLY A 24 24.67 13.62 10.61
C GLY A 24 25.46 14.91 10.60
N CYS A 25 25.31 15.73 11.64
CA CYS A 25 26.12 16.93 11.86
C CYS A 25 25.25 18.20 11.77
N PHE A 26 24.28 18.22 10.82
CA PHE A 26 23.23 19.28 10.79
C PHE A 26 21.85 18.75 11.25
N GLY A 27 21.79 17.47 11.66
CA GLY A 27 20.56 16.83 12.10
C GLY A 27 20.81 15.65 13.03
N GLN A 28 19.72 15.17 13.65
CA GLN A 28 19.73 14.12 14.66
C GLN A 28 18.56 13.17 14.39
N VAL A 29 18.84 11.87 14.29
CA VAL A 29 17.85 10.83 14.01
C VAL A 29 17.84 9.84 15.19
N VAL A 30 16.65 9.59 15.75
CA VAL A 30 16.51 8.66 16.87
C VAL A 30 15.41 7.64 16.53
N MET A 31 15.56 6.44 17.10
CA MET A 31 14.56 5.38 17.03
C MET A 31 13.40 5.77 17.95
N ALA A 32 12.20 5.27 17.64
CA ALA A 32 11.01 5.56 18.44
C ALA A 32 9.91 4.56 18.14
N GLU A 33 9.12 4.25 19.18
CA GLU A 33 7.89 3.47 19.04
C GLU A 33 6.72 4.46 18.96
N ALA A 34 5.85 4.28 17.96
CA ALA A 34 4.71 5.16 17.72
C ALA A 34 3.42 4.33 17.69
N VAL A 35 2.47 4.71 18.54
CA VAL A 35 1.22 3.98 18.73
C VAL A 35 0.18 4.57 17.76
N GLY A 36 -0.31 3.71 16.85
CA GLY A 36 -1.41 4.03 15.96
C GLY A 36 -1.03 4.99 14.85
N ILE A 37 0.27 5.00 14.48
CA ILE A 37 0.74 5.79 13.34
C ILE A 37 0.19 5.18 12.05
N ASP A 38 0.03 3.84 12.06
CA ASP A 38 -0.68 3.09 11.03
C ASP A 38 -2.18 3.14 11.36
N LYS A 39 -2.93 3.95 10.58
CA LYS A 39 -4.32 4.32 10.91
C LYS A 39 -5.21 3.07 10.88
N ASP A 40 -4.84 2.08 10.06
CA ASP A 40 -5.63 0.87 9.83
C ASP A 40 -5.66 -0.04 11.09
N LYS A 41 -4.64 0.07 11.95
CA LYS A 41 -4.59 -0.68 13.21
C LYS A 41 -4.12 0.24 14.33
N PRO A 42 -5.01 1.10 14.87
CA PRO A 42 -4.64 2.12 15.86
C PRO A 42 -4.05 1.64 17.20
N LYS A 43 -4.30 0.39 17.58
CA LYS A 43 -3.89 -0.15 18.87
C LYS A 43 -2.40 -0.56 18.86
N GLU A 44 -1.90 -1.03 17.71
CA GLU A 44 -0.53 -1.57 17.61
C GLU A 44 0.50 -0.42 17.61
N ALA A 45 1.70 -0.73 18.12
CA ALA A 45 2.83 0.21 18.11
C ALA A 45 3.86 -0.29 17.09
N VAL A 46 4.56 0.64 16.43
CA VAL A 46 5.52 0.32 15.37
C VAL A 46 6.78 1.18 15.57
N THR A 47 7.94 0.57 15.28
CA THR A 47 9.23 1.22 15.36
C THR A 47 9.41 2.15 14.15
N VAL A 48 9.59 3.44 14.42
CA VAL A 48 9.81 4.47 13.40
C VAL A 48 11.16 5.16 13.66
N ALA A 49 11.54 6.04 12.74
CA ALA A 49 12.68 6.94 12.91
C ALA A 49 12.18 8.39 12.92
N VAL A 50 12.74 9.19 13.81
CA VAL A 50 12.32 10.58 14.04
C VAL A 50 13.54 11.49 13.82
N LYS A 51 13.47 12.35 12.80
CA LYS A 51 14.48 13.38 12.61
C LYS A 51 14.05 14.66 13.34
N MET A 52 15.02 15.29 14.00
CA MET A 52 14.84 16.50 14.78
C MET A 52 16.15 17.30 14.75
N LEU A 53 16.11 18.50 15.36
CA LEU A 53 17.23 19.40 15.38
C LEU A 53 18.21 19.02 16.50
N LYS A 54 19.48 19.33 16.27
CA LYS A 54 20.54 19.23 17.27
C LYS A 54 20.36 20.33 18.32
N ASP A 55 21.09 20.22 19.43
CA ASP A 55 21.17 21.29 20.42
C ASP A 55 21.97 22.45 19.82
N ASP A 56 23.04 22.12 19.08
CA ASP A 56 23.89 23.10 18.42
C ASP A 56 23.42 23.33 16.98
N ALA A 57 22.10 23.37 16.78
CA ALA A 57 21.49 23.63 15.47
C ALA A 57 21.55 25.12 15.16
N THR A 58 21.53 25.45 13.87
CA THR A 58 21.60 26.84 13.39
C THR A 58 20.21 27.30 12.95
N GLU A 59 20.12 28.56 12.51
CA GLU A 59 18.89 29.16 12.01
C GLU A 59 18.49 28.47 10.70
N LYS A 60 19.49 28.16 9.87
CA LYS A 60 19.33 27.57 8.53
C LYS A 60 18.83 26.11 8.64
N ASP A 61 19.20 25.42 9.71
CA ASP A 61 18.91 23.98 9.89
C ASP A 61 17.41 23.76 10.17
N LEU A 62 16.73 24.77 10.73
CA LEU A 62 15.31 24.69 11.07
C LEU A 62 14.46 24.76 9.80
N SER A 63 14.85 25.63 8.85
CA SER A 63 14.12 25.78 7.59
C SER A 63 14.41 24.60 6.64
N ASP A 64 15.62 24.05 6.72
CA ASP A 64 16.05 22.92 5.89
C ASP A 64 15.27 21.65 6.28
N LEU A 65 15.03 21.47 7.58
CA LEU A 65 14.25 20.33 8.10
C LEU A 65 12.79 20.45 7.63
N VAL A 66 12.25 21.69 7.64
CA VAL A 66 10.87 21.96 7.25
C VAL A 66 10.75 21.82 5.73
N SER A 67 11.72 22.37 5.00
CA SER A 67 11.81 22.21 3.54
C SER A 67 11.81 20.72 3.18
N GLU A 68 12.67 19.94 3.83
CA GLU A 68 12.81 18.51 3.56
C GLU A 68 11.46 17.81 3.83
N MET A 69 10.80 18.19 4.92
CA MET A 69 9.51 17.63 5.29
C MET A 69 8.50 17.91 4.16
N GLU A 70 8.49 19.14 3.65
CA GLU A 70 7.55 19.55 2.61
C GLU A 70 7.85 18.79 1.31
N MET A 71 9.14 18.62 0.98
CA MET A 71 9.56 17.84 -0.20
C MET A 71 8.98 16.42 -0.11
N MET A 72 9.01 15.84 1.09
CA MET A 72 8.62 14.44 1.29
C MET A 72 7.11 14.26 1.12
N LYS A 73 6.32 15.30 1.37
CA LYS A 73 4.86 15.24 1.23
C LYS A 73 4.46 15.14 -0.25
N MET A 74 5.13 15.94 -1.10
CA MET A 74 4.75 16.08 -2.50
C MET A 74 5.40 15.00 -3.37
N ILE A 75 6.47 14.36 -2.88
CA ILE A 75 7.15 13.29 -3.62
C ILE A 75 6.20 12.09 -3.74
N GLY A 76 5.48 11.78 -2.65
CA GLY A 76 4.55 10.66 -2.62
C GLY A 76 5.24 9.37 -2.19
N LYS A 77 4.47 8.28 -2.15
CA LYS A 77 4.91 7.00 -1.60
C LYS A 77 5.60 6.17 -2.70
N HIS A 78 6.75 5.57 -2.34
CA HIS A 78 7.43 4.58 -3.17
C HIS A 78 8.15 3.61 -2.23
N LYS A 79 8.37 2.38 -2.72
CA LYS A 79 8.96 1.31 -1.92
C LYS A 79 10.44 1.58 -1.66
N ASN A 80 11.11 2.24 -2.62
CA ASN A 80 12.57 2.37 -2.64
C ASN A 80 13.00 3.80 -2.25
N ILE A 81 12.14 4.51 -1.49
CA ILE A 81 12.52 5.78 -0.83
C ILE A 81 12.04 5.71 0.62
N ILE A 82 12.73 6.43 1.52
CA ILE A 82 12.26 6.61 2.89
C ILE A 82 11.01 7.50 2.81
N ASN A 83 9.91 7.03 3.41
CA ASN A 83 8.60 7.67 3.30
C ASN A 83 8.24 8.36 4.62
N LEU A 84 7.57 9.51 4.49
CA LEU A 84 7.01 10.27 5.60
C LEU A 84 5.82 9.51 6.19
N LEU A 85 5.81 9.35 7.53
CA LEU A 85 4.72 8.68 8.25
C LEU A 85 3.88 9.71 9.00
N GLY A 86 4.53 10.76 9.53
CA GLY A 86 3.85 11.79 10.27
C GLY A 86 4.83 12.81 10.82
N ALA A 87 4.29 13.78 11.57
CA ALA A 87 5.06 14.89 12.10
C ALA A 87 4.42 15.39 13.40
N CYS A 88 5.27 15.88 14.31
CA CYS A 88 4.86 16.71 15.42
C CYS A 88 5.40 18.12 15.16
N THR A 89 4.50 19.04 14.79
CA THR A 89 4.85 20.39 14.36
C THR A 89 4.38 21.45 15.38
N GLN A 90 3.38 21.10 16.20
CA GLN A 90 2.66 22.05 17.04
C GLN A 90 3.15 21.98 18.48
N ASP A 91 3.36 23.16 19.08
CA ASP A 91 3.47 23.34 20.54
C ASP A 91 4.48 22.33 21.10
N GLY A 92 5.73 22.46 20.63
CA GLY A 92 6.86 21.60 20.98
C GLY A 92 7.94 21.65 19.91
N PRO A 93 9.05 20.86 20.05
CA PRO A 93 10.07 20.78 19.01
C PRO A 93 9.58 19.93 17.82
N LEU A 94 10.12 20.21 16.63
CA LEU A 94 9.70 19.59 15.38
C LEU A 94 10.26 18.15 15.32
N TYR A 95 9.34 17.17 15.32
CA TYR A 95 9.66 15.77 15.08
C TYR A 95 9.09 15.36 13.73
N VAL A 96 9.97 15.01 12.78
CA VAL A 96 9.58 14.45 11.49
C VAL A 96 9.73 12.93 11.57
N ILE A 97 8.61 12.21 11.44
CA ILE A 97 8.54 10.76 11.60
C ILE A 97 8.61 10.12 10.21
N VAL A 98 9.60 9.23 10.02
CA VAL A 98 9.84 8.54 8.76
C VAL A 98 10.05 7.05 9.05
N GLU A 99 10.01 6.25 7.97
CA GLU A 99 10.19 4.81 8.03
C GLU A 99 11.51 4.48 8.73
N TYR A 100 11.53 3.33 9.42
CA TYR A 100 12.73 2.81 10.06
C TYR A 100 13.40 1.80 9.13
N ALA A 101 14.72 1.88 9.04
CA ALA A 101 15.56 0.95 8.26
C ALA A 101 16.62 0.32 9.16
N SER A 102 16.38 -0.93 9.56
CA SER A 102 17.04 -1.54 10.71
C SER A 102 18.50 -1.93 10.40
N LYS A 103 18.85 -2.07 9.13
CA LYS A 103 20.18 -2.58 8.73
C LYS A 103 21.12 -1.43 8.33
N GLY A 104 20.69 -0.19 8.54
CA GLY A 104 21.56 0.99 8.42
C GLY A 104 21.82 1.39 6.98
N ASN A 105 22.86 2.21 6.79
CA ASN A 105 23.18 2.75 5.47
C ASN A 105 23.89 1.67 4.65
N LEU A 106 23.85 1.83 3.33
CA LEU A 106 24.23 0.80 2.38
C LEU A 106 25.75 0.60 2.41
N ARG A 107 26.50 1.65 2.76
CA ARG A 107 27.97 1.57 2.79
C ARG A 107 28.42 0.59 3.88
N GLU A 108 27.89 0.77 5.10
CA GLU A 108 28.24 -0.09 6.24
C GLU A 108 27.67 -1.50 6.02
N TYR A 109 26.44 -1.56 5.51
CA TYR A 109 25.76 -2.80 5.16
C TYR A 109 26.63 -3.67 4.23
N LEU A 110 27.24 -3.03 3.23
CA LEU A 110 28.05 -3.72 2.22
C LEU A 110 29.41 -4.12 2.81
N ARG A 111 30.03 -3.22 3.61
CA ARG A 111 31.32 -3.49 4.25
C ARG A 111 31.19 -4.64 5.27
N ALA A 112 30.02 -4.71 5.92
CA ALA A 112 29.74 -5.75 6.90
C ALA A 112 29.55 -7.10 6.22
N ARG A 113 29.21 -7.12 4.93
CA ARG A 113 28.95 -8.36 4.20
C ARG A 113 29.98 -8.58 3.10
N ARG A 114 31.19 -8.04 3.29
CA ARG A 114 32.35 -8.40 2.45
C ARG A 114 32.74 -9.85 2.82
N PRO A 115 32.99 -10.77 1.84
CA PRO A 115 33.35 -12.15 2.16
C PRO A 115 34.64 -12.27 2.99
N ILE A 124 38.29 -5.09 10.70
CA ILE A 124 38.20 -5.53 12.10
C ILE A 124 37.18 -6.69 12.19
N ASN A 125 36.10 -6.51 12.99
CA ASN A 125 35.03 -7.48 13.18
C ASN A 125 33.77 -7.03 12.41
N ARG A 126 32.59 -7.44 12.89
CA ARG A 126 31.28 -6.85 12.56
C ARG A 126 30.58 -7.61 11.41
N VAL A 127 31.12 -8.77 11.00
CA VAL A 127 30.69 -9.46 9.79
C VAL A 127 29.63 -10.51 10.14
N PRO A 128 28.42 -10.47 9.52
CA PRO A 128 27.37 -11.44 9.79
C PRO A 128 27.33 -12.73 8.94
N GLU A 129 26.31 -13.56 9.20
CA GLU A 129 26.09 -14.84 8.51
C GLU A 129 25.77 -14.66 7.02
N GLU A 130 25.24 -13.48 6.63
CA GLU A 130 24.70 -13.25 5.28
C GLU A 130 25.65 -12.33 4.48
N GLN A 131 26.30 -12.91 3.45
CA GLN A 131 27.24 -12.19 2.58
C GLN A 131 26.62 -11.97 1.20
N MET A 132 27.15 -10.99 0.47
CA MET A 132 26.54 -10.45 -0.75
C MET A 132 26.96 -11.26 -1.98
N THR A 133 25.97 -11.86 -2.65
CA THR A 133 26.12 -12.53 -3.95
C THR A 133 26.06 -11.48 -5.08
N PHE A 134 26.36 -11.92 -6.31
CA PHE A 134 26.31 -11.05 -7.48
C PHE A 134 24.87 -10.61 -7.75
N LYS A 135 23.94 -11.58 -7.67
CA LYS A 135 22.52 -11.32 -7.90
C LYS A 135 22.02 -10.31 -6.86
N ASP A 136 22.55 -10.40 -5.62
CA ASP A 136 22.17 -9.49 -4.55
C ASP A 136 22.58 -8.05 -4.90
N LEU A 137 23.81 -7.87 -5.40
CA LEU A 137 24.35 -6.54 -5.74
C LEU A 137 23.55 -5.92 -6.90
N VAL A 138 23.30 -6.72 -7.93
CA VAL A 138 22.51 -6.27 -9.08
C VAL A 138 21.12 -5.86 -8.60
N SER A 139 20.56 -6.60 -7.64
CA SER A 139 19.23 -6.33 -7.10
C SER A 139 19.23 -5.06 -6.23
N CYS A 140 20.35 -4.73 -5.59
CA CYS A 140 20.52 -3.46 -4.88
CA CYS A 140 20.52 -3.46 -4.88
C CYS A 140 20.41 -2.31 -5.89
N THR A 141 21.23 -2.39 -6.95
CA THR A 141 21.31 -1.39 -8.00
C THR A 141 19.94 -1.13 -8.61
N TYR A 142 19.26 -2.21 -9.03
CA TYR A 142 17.97 -2.13 -9.71
C TYR A 142 16.93 -1.48 -8.80
N GLN A 143 16.92 -1.86 -7.52
CA GLN A 143 16.01 -1.28 -6.52
C GLN A 143 16.23 0.23 -6.42
N LEU A 144 17.50 0.65 -6.47
CA LEU A 144 17.85 2.05 -6.31
C LEU A 144 17.51 2.83 -7.59
N ALA A 145 17.65 2.17 -8.75
CA ALA A 145 17.29 2.75 -10.03
C ALA A 145 15.78 3.02 -10.08
N ARG A 146 14.99 2.10 -9.49
CA ARG A 146 13.54 2.25 -9.43
C ARG A 146 13.19 3.46 -8.56
N GLY A 147 13.76 3.52 -7.35
CA GLY A 147 13.65 4.68 -6.48
C GLY A 147 13.95 5.98 -7.21
N MET A 148 15.09 6.02 -7.91
CA MET A 148 15.53 7.24 -8.59
C MET A 148 14.64 7.51 -9.81
N GLU A 149 14.16 6.47 -10.49
CA GLU A 149 13.27 6.66 -11.64
C GLU A 149 11.97 7.31 -11.17
N TYR A 150 11.50 6.91 -9.98
CA TYR A 150 10.29 7.47 -9.41
C TYR A 150 10.50 8.96 -9.14
N LEU A 151 11.56 9.27 -8.38
CA LEU A 151 11.90 10.67 -8.06
C LEU A 151 11.94 11.52 -9.34
N ALA A 152 12.51 10.97 -10.41
CA ALA A 152 12.65 11.70 -11.67
C ALA A 152 11.29 11.89 -12.36
N SER A 153 10.38 10.92 -12.19
CA SER A 153 9.03 11.00 -12.73
C SER A 153 8.22 12.07 -11.98
N GLN A 154 8.61 12.38 -10.74
CA GLN A 154 8.02 13.45 -9.94
C GLN A 154 8.76 14.78 -10.17
N LYS A 155 9.58 14.82 -11.22
CA LYS A 155 10.32 16.02 -11.67
C LYS A 155 11.13 16.58 -10.50
N CYS A 156 11.73 15.66 -9.72
CA CYS A 156 12.51 15.99 -8.54
CA CYS A 156 12.51 15.99 -8.54
C CYS A 156 13.95 15.50 -8.73
N ILE A 157 14.91 16.31 -8.29
CA ILE A 157 16.34 15.96 -8.31
C ILE A 157 16.81 15.81 -6.86
N HIS A 158 17.75 14.89 -6.65
CA HIS A 158 18.22 14.50 -5.32
C HIS A 158 19.46 15.32 -4.94
N ARG A 159 20.50 15.24 -5.78
CA ARG A 159 21.71 16.07 -5.72
C ARG A 159 22.69 15.59 -4.62
N ASP A 160 22.41 14.46 -3.99
CA ASP A 160 23.25 13.94 -2.91
C ASP A 160 23.16 12.41 -2.85
N LEU A 161 23.17 11.79 -4.02
CA LEU A 161 22.99 10.34 -4.16
C LEU A 161 24.32 9.63 -3.85
N THR A 162 24.42 9.11 -2.62
CA THR A 162 25.60 8.41 -2.14
C THR A 162 25.14 7.17 -1.35
N ALA A 163 26.03 6.17 -1.23
CA ALA A 163 25.73 4.92 -0.52
C ALA A 163 25.34 5.22 0.94
N ARG A 164 25.99 6.22 1.55
CA ARG A 164 25.74 6.65 2.92
C ARG A 164 24.32 7.22 3.08
N ASN A 165 23.70 7.64 1.97
CA ASN A 165 22.36 8.24 1.99
C ASN A 165 21.31 7.26 1.43
N VAL A 166 21.70 5.98 1.34
CA VAL A 166 20.80 4.88 1.06
C VAL A 166 20.70 4.03 2.33
N LEU A 167 19.46 3.76 2.77
CA LEU A 167 19.20 2.94 3.95
C LEU A 167 18.64 1.58 3.54
N VAL A 168 18.77 0.60 4.45
CA VAL A 168 18.37 -0.78 4.21
C VAL A 168 17.42 -1.20 5.34
N THR A 169 16.21 -1.66 4.98
CA THR A 169 15.22 -2.12 5.96
C THR A 169 15.54 -3.54 6.42
N GLU A 170 14.73 -4.04 7.35
CA GLU A 170 14.84 -5.39 7.90
C GLU A 170 14.75 -6.43 6.78
N ASN A 171 13.89 -6.18 5.78
CA ASN A 171 13.67 -7.11 4.67
C ASN A 171 14.57 -6.78 3.47
N ASN A 172 15.70 -6.11 3.74
CA ASN A 172 16.74 -5.81 2.74
C ASN A 172 16.14 -5.10 1.52
N VAL A 173 15.26 -4.14 1.78
CA VAL A 173 14.76 -3.23 0.75
C VAL A 173 15.67 -2.00 0.75
N MET A 174 16.17 -1.60 -0.42
CA MET A 174 17.00 -0.40 -0.53
C MET A 174 16.08 0.83 -0.54
N LYS A 175 16.36 1.80 0.33
CA LYS A 175 15.57 3.03 0.42
C LYS A 175 16.50 4.24 0.32
N ILE A 176 16.22 5.10 -0.68
CA ILE A 176 16.94 6.35 -0.89
C ILE A 176 16.46 7.35 0.16
N ALA A 177 17.40 8.09 0.76
CA ALA A 177 17.15 8.95 1.91
C ALA A 177 17.83 10.31 1.73
N ASP A 178 17.69 11.16 2.75
CA ASP A 178 18.15 12.57 2.79
C ASP A 178 17.69 13.35 1.55
N PHE A 179 16.55 14.04 1.69
CA PHE A 179 16.05 14.95 0.66
C PHE A 179 16.37 16.40 1.01
N GLY A 180 17.47 16.61 1.75
CA GLY A 180 17.92 17.92 2.18
C GLY A 180 18.17 18.86 1.01
N LEU A 181 18.97 18.39 0.05
CA LEU A 181 19.39 19.21 -1.09
C LEU A 181 18.43 19.02 -2.27
N ALA A 182 17.43 18.16 -2.11
CA ALA A 182 16.48 17.83 -3.17
C ALA A 182 15.67 19.07 -3.56
N ARG A 183 15.37 19.18 -4.86
CA ARG A 183 14.68 20.33 -5.44
C ARG A 183 13.68 19.85 -6.49
N ASP A 184 12.64 20.65 -6.73
CA ASP A 184 11.69 20.45 -7.81
C ASP A 184 12.08 21.34 -9.01
N ILE A 185 12.04 20.75 -10.20
CA ILE A 185 12.19 21.45 -11.47
C ILE A 185 11.08 20.99 -12.42
N PTR A 191 17.81 23.26 -12.91
CA PTR A 191 18.01 24.01 -11.68
C PTR A 191 19.28 24.86 -11.82
O PTR A 191 20.31 24.35 -12.25
CB PTR A 191 18.23 23.01 -10.54
CG PTR A 191 18.28 23.70 -9.21
CD1 PTR A 191 17.10 24.05 -8.56
CD2 PTR A 191 19.51 23.97 -8.60
CE1 PTR A 191 17.14 24.69 -7.33
CE2 PTR A 191 19.56 24.60 -7.37
CZ PTR A 191 18.38 25.01 -6.75
OH PTR A 191 18.32 25.65 -5.53
P PTR A 191 19.58 26.30 -4.79
O1P PTR A 191 18.89 26.90 -3.60
O2P PTR A 191 20.16 27.26 -5.81
O3P PTR A 191 20.41 25.08 -4.50
N LYS A 192 19.17 26.14 -11.44
CA LYS A 192 20.32 27.04 -11.42
C LYS A 192 20.93 27.03 -10.01
N LYS A 193 22.18 26.55 -9.89
CA LYS A 193 22.85 26.30 -8.61
C LYS A 193 23.24 27.64 -7.97
N THR A 194 23.53 27.58 -6.66
CA THR A 194 23.72 28.78 -5.81
C THR A 194 25.10 29.41 -6.12
N THR A 195 25.72 28.91 -7.20
CA THR A 195 27.12 29.13 -7.57
C THR A 195 28.05 28.47 -6.54
N ASN A 196 27.56 28.31 -5.30
CA ASN A 196 28.29 27.68 -4.21
C ASN A 196 27.37 26.62 -3.57
N GLY A 197 27.09 25.55 -4.33
CA GLY A 197 26.26 24.44 -3.87
C GLY A 197 27.02 23.54 -2.91
N ARG A 198 26.29 22.84 -2.03
CA ARG A 198 26.88 22.08 -0.92
C ARG A 198 26.81 20.58 -1.25
N LEU A 199 27.37 20.22 -2.42
CA LEU A 199 27.20 18.87 -2.99
C LEU A 199 28.56 18.17 -3.03
N PRO A 200 28.63 16.85 -2.70
CA PRO A 200 29.92 16.14 -2.60
C PRO A 200 30.59 15.90 -3.96
N VAL A 201 31.89 16.24 -4.06
CA VAL A 201 32.54 16.54 -5.34
C VAL A 201 32.78 15.26 -6.16
N LYS A 202 33.09 14.14 -5.48
CA LYS A 202 33.44 12.88 -6.17
C LYS A 202 32.19 12.19 -6.73
N TRP A 203 30.99 12.65 -6.32
CA TRP A 203 29.72 12.14 -6.85
C TRP A 203 29.08 13.13 -7.82
N MET A 204 29.72 14.29 -8.05
CA MET A 204 29.12 15.39 -8.78
C MET A 204 29.47 15.27 -10.26
N ALA A 205 28.47 15.55 -11.09
CA ALA A 205 28.61 15.56 -12.53
C ALA A 205 29.34 16.84 -12.95
N PRO A 206 30.09 16.83 -14.07
CA PRO A 206 30.85 18.01 -14.51
C PRO A 206 30.01 19.30 -14.65
N GLU A 207 28.75 19.19 -15.06
CA GLU A 207 27.87 20.37 -15.23
C GLU A 207 27.60 21.02 -13.88
N ALA A 208 27.25 20.18 -12.89
CA ALA A 208 26.98 20.66 -11.54
C ALA A 208 28.24 21.33 -10.96
N LEU A 209 29.41 20.81 -11.35
CA LEU A 209 30.69 21.24 -10.81
C LEU A 209 31.12 22.56 -11.46
N PHE A 210 30.98 22.67 -12.79
CA PHE A 210 31.56 23.77 -13.56
C PHE A 210 30.49 24.79 -14.00
N ASP A 211 29.33 24.31 -14.43
CA ASP A 211 28.33 25.12 -15.15
C ASP A 211 27.16 25.56 -14.26
N ARG A 212 27.17 25.16 -12.98
CA ARG A 212 26.11 25.50 -12.03
C ARG A 212 24.74 25.18 -12.64
N VAL A 213 24.60 23.96 -13.18
CA VAL A 213 23.29 23.43 -13.59
C VAL A 213 23.13 22.01 -13.04
N TYR A 214 21.88 21.59 -12.85
CA TYR A 214 21.57 20.26 -12.38
C TYR A 214 20.27 19.80 -13.03
N THR A 215 20.35 18.67 -13.73
CA THR A 215 19.21 17.99 -14.31
C THR A 215 19.16 16.58 -13.72
N HIS A 216 18.17 15.80 -14.15
CA HIS A 216 18.05 14.40 -13.79
C HIS A 216 19.30 13.62 -14.29
N GLN A 217 19.91 14.11 -15.39
CA GLN A 217 21.10 13.49 -15.97
C GLN A 217 22.32 13.69 -15.08
N SER A 218 22.27 14.66 -14.17
CA SER A 218 23.31 14.86 -13.15
C SER A 218 23.20 13.80 -12.05
N ASP A 219 21.97 13.40 -11.73
CA ASP A 219 21.70 12.32 -10.78
C ASP A 219 22.17 10.98 -11.37
N VAL A 220 22.03 10.80 -12.70
CA VAL A 220 22.47 9.59 -13.39
C VAL A 220 23.97 9.41 -13.17
N TRP A 221 24.74 10.50 -13.30
CA TRP A 221 26.18 10.46 -13.08
C TRP A 221 26.44 9.97 -11.64
N SER A 222 25.76 10.60 -10.68
CA SER A 222 25.89 10.24 -9.27
C SER A 222 25.56 8.74 -9.08
N PHE A 223 24.52 8.27 -9.77
CA PHE A 223 24.12 6.85 -9.75
C PHE A 223 25.27 5.99 -10.28
N GLY A 224 25.98 6.50 -11.28
CA GLY A 224 27.17 5.86 -11.82
C GLY A 224 28.19 5.55 -10.74
N VAL A 225 28.41 6.50 -9.84
CA VAL A 225 29.39 6.40 -8.79
C VAL A 225 28.86 5.44 -7.72
N LEU A 226 27.56 5.55 -7.40
CA LEU A 226 26.89 4.66 -6.44
C LEU A 226 27.04 3.20 -6.86
N MET A 227 26.87 2.91 -8.16
CA MET A 227 27.08 1.56 -8.70
C MET A 227 28.50 1.08 -8.38
N TRP A 228 29.50 1.92 -8.66
CA TRP A 228 30.90 1.61 -8.36
C TRP A 228 31.04 1.32 -6.87
N GLU A 229 30.53 2.22 -6.02
CA GLU A 229 30.47 2.02 -4.58
C GLU A 229 29.92 0.61 -4.26
N ILE A 230 28.78 0.26 -4.88
CA ILE A 230 28.09 -0.99 -4.58
C ILE A 230 28.97 -2.19 -4.96
N PHE A 231 29.56 -2.19 -6.17
CA PHE A 231 30.30 -3.36 -6.66
C PHE A 231 31.74 -3.39 -6.11
N THR A 232 32.12 -2.39 -5.32
CA THR A 232 33.32 -2.48 -4.50
C THR A 232 32.93 -2.74 -3.03
N LEU A 233 31.68 -3.16 -2.81
CA LEU A 233 31.13 -3.48 -1.50
C LEU A 233 31.50 -2.37 -0.51
N GLY A 234 31.22 -1.12 -0.88
CA GLY A 234 31.39 0.05 -0.02
C GLY A 234 32.74 0.74 -0.17
N GLY A 235 33.43 0.52 -1.30
CA GLY A 235 34.65 1.25 -1.61
C GLY A 235 34.37 2.75 -1.70
N SER A 236 35.41 3.59 -1.61
CA SER A 236 35.27 5.03 -1.76
C SER A 236 35.86 5.50 -3.08
N PRO A 237 35.11 6.32 -3.85
CA PRO A 237 35.46 6.64 -5.24
C PRO A 237 36.81 7.35 -5.41
N TYR A 238 37.30 7.33 -6.65
CA TYR A 238 38.60 7.84 -7.07
C TYR A 238 39.62 7.64 -5.95
N PRO A 239 39.91 6.39 -5.56
CA PRO A 239 40.80 6.13 -4.42
C PRO A 239 42.21 6.70 -4.65
N GLY A 240 42.71 7.46 -3.67
CA GLY A 240 44.04 8.05 -3.70
C GLY A 240 44.06 9.44 -4.34
N ILE A 241 43.01 9.78 -5.09
CA ILE A 241 42.95 11.01 -5.86
C ILE A 241 42.25 12.07 -5.03
N PRO A 242 42.93 13.19 -4.69
CA PRO A 242 42.32 14.26 -3.91
C PRO A 242 41.41 15.16 -4.77
N VAL A 243 40.51 15.87 -4.09
CA VAL A 243 39.47 16.68 -4.75
C VAL A 243 40.12 17.72 -5.67
N GLU A 244 41.19 18.37 -5.19
CA GLU A 244 41.91 19.38 -5.99
C GLU A 244 42.35 18.79 -7.34
N GLU A 245 42.83 17.56 -7.31
CA GLU A 245 43.45 16.89 -8.44
C GLU A 245 42.40 16.16 -9.31
N LEU A 246 41.12 16.23 -8.93
CA LEU A 246 40.03 15.51 -9.63
C LEU A 246 39.48 16.37 -10.77
N PHE A 247 39.31 17.67 -10.51
CA PHE A 247 38.74 18.61 -11.48
C PHE A 247 39.46 18.43 -12.83
N LYS A 248 40.79 18.49 -12.82
CA LYS A 248 41.59 18.46 -14.04
C LYS A 248 41.51 17.08 -14.69
N LEU A 249 41.44 16.02 -13.89
CA LEU A 249 41.41 14.63 -14.41
C LEU A 249 40.12 14.34 -15.19
N LEU A 250 38.98 14.84 -14.68
CA LEU A 250 37.68 14.65 -15.34
C LEU A 250 37.66 15.39 -16.69
N LYS A 251 38.28 16.57 -16.73
CA LYS A 251 38.38 17.39 -17.96
C LYS A 251 39.29 16.69 -18.98
N GLU A 252 40.23 15.86 -18.52
CA GLU A 252 41.12 15.08 -19.40
C GLU A 252 40.48 13.75 -19.81
N GLY A 253 39.35 13.40 -19.18
CA GLY A 253 38.55 12.21 -19.54
C GLY A 253 38.86 10.98 -18.69
N HIS A 254 39.62 11.16 -17.60
CA HIS A 254 39.92 10.10 -16.65
C HIS A 254 38.64 9.67 -15.95
N ARG A 255 38.47 8.36 -15.80
CA ARG A 255 37.35 7.75 -15.08
C ARG A 255 37.88 6.61 -14.21
N MET A 256 37.02 6.08 -13.32
CA MET A 256 37.40 5.00 -12.42
C MET A 256 37.47 3.67 -13.17
N ASP A 257 38.40 2.80 -12.73
CA ASP A 257 38.60 1.49 -13.32
C ASP A 257 37.43 0.59 -12.90
N LYS A 258 37.34 -0.58 -13.54
CA LYS A 258 36.34 -1.59 -13.24
C LYS A 258 36.62 -2.20 -11.87
N PRO A 259 35.60 -2.26 -10.97
CA PRO A 259 35.68 -3.08 -9.77
C PRO A 259 35.86 -4.55 -10.16
N ALA A 260 36.58 -5.31 -9.32
CA ALA A 260 36.91 -6.70 -9.58
C ALA A 260 35.65 -7.56 -9.62
N ASN A 261 34.73 -7.31 -8.69
CA ASN A 261 33.51 -8.15 -8.56
C ASN A 261 32.39 -7.51 -9.38
N CYS A 262 32.66 -7.33 -10.67
CA CYS A 262 31.82 -6.55 -11.57
C CYS A 262 32.08 -6.98 -13.02
N THR A 263 31.01 -7.27 -13.76
CA THR A 263 31.12 -7.72 -15.14
C THR A 263 31.51 -6.54 -16.03
N ASN A 264 31.88 -6.87 -17.28
CA ASN A 264 32.25 -5.90 -18.30
C ASN A 264 31.02 -5.05 -18.67
N GLU A 265 29.84 -5.70 -18.64
CA GLU A 265 28.58 -5.09 -18.99
C GLU A 265 28.23 -3.98 -17.99
N LEU A 266 28.25 -4.31 -16.70
CA LEU A 266 27.89 -3.36 -15.63
C LEU A 266 28.85 -2.17 -15.63
N TYR A 267 30.14 -2.43 -15.86
CA TYR A 267 31.15 -1.38 -15.91
C TYR A 267 30.82 -0.41 -17.04
N MET A 268 30.41 -0.95 -18.19
CA MET A 268 30.05 -0.12 -19.35
C MET A 268 28.82 0.73 -19.02
N MET A 269 27.93 0.22 -18.17
CA MET A 269 26.75 0.97 -17.68
C MET A 269 27.19 2.16 -16.83
N MET A 270 28.19 1.94 -15.95
CA MET A 270 28.77 3.02 -15.15
C MET A 270 29.39 4.08 -16.06
N ARG A 271 30.11 3.63 -17.10
CA ARG A 271 30.84 4.52 -17.98
C ARG A 271 29.87 5.29 -18.88
N ASP A 272 28.73 4.66 -19.24
CA ASP A 272 27.65 5.35 -19.91
C ASP A 272 27.13 6.48 -19.02
N CYS A 273 26.96 6.16 -17.72
CA CYS A 273 26.54 7.15 -16.71
C CYS A 273 27.54 8.31 -16.64
N TRP A 274 28.83 8.05 -16.86
CA TRP A 274 29.88 9.05 -16.69
C TRP A 274 30.32 9.68 -18.04
N HIS A 275 29.39 9.78 -19.00
CA HIS A 275 29.60 10.65 -20.15
C HIS A 275 29.63 12.11 -19.68
N ALA A 276 30.41 12.97 -20.34
CA ALA A 276 30.53 14.39 -19.95
C ALA A 276 29.36 15.23 -20.50
N VAL A 277 28.63 14.68 -21.46
CA VAL A 277 27.51 15.35 -22.13
C VAL A 277 26.20 14.68 -21.66
N PRO A 278 25.51 15.30 -20.67
CA PRO A 278 24.38 14.67 -19.98
C PRO A 278 23.33 13.93 -20.81
N SER A 279 23.15 14.32 -22.08
CA SER A 279 22.17 13.71 -22.98
C SER A 279 22.65 12.34 -23.48
N GLN A 280 23.98 12.13 -23.50
CA GLN A 280 24.60 10.88 -23.98
C GLN A 280 24.57 9.80 -22.88
N ARG A 281 24.30 10.22 -21.66
CA ARG A 281 24.07 9.32 -20.54
C ARG A 281 22.70 8.68 -20.66
N PRO A 282 22.49 7.46 -20.10
CA PRO A 282 21.15 6.89 -20.03
C PRO A 282 20.25 7.71 -19.11
N THR A 283 18.93 7.59 -19.29
CA THR A 283 17.94 8.08 -18.34
C THR A 283 17.70 7.00 -17.29
N PHE A 284 17.05 7.35 -16.17
CA PHE A 284 16.74 6.38 -15.12
C PHE A 284 15.82 5.30 -15.68
N LYS A 285 14.91 5.70 -16.58
CA LYS A 285 14.04 4.76 -17.27
C LYS A 285 14.89 3.72 -18.02
N GLN A 286 15.94 4.19 -18.69
CA GLN A 286 16.83 3.33 -19.48
C GLN A 286 17.65 2.40 -18.57
N LEU A 287 18.03 2.86 -17.37
CA LEU A 287 18.81 2.07 -16.40
C LEU A 287 17.93 0.96 -15.79
N VAL A 288 16.66 1.27 -15.57
CA VAL A 288 15.70 0.33 -14.98
C VAL A 288 15.46 -0.81 -15.98
N GLU A 289 15.29 -0.45 -17.27
CA GLU A 289 15.20 -1.41 -18.37
C GLU A 289 16.41 -2.36 -18.33
N ASP A 290 17.62 -1.78 -18.39
CA ASP A 290 18.87 -2.52 -18.56
C ASP A 290 19.17 -3.38 -17.33
N LEU A 291 18.85 -2.89 -16.12
CA LEU A 291 19.18 -3.60 -14.87
C LEU A 291 18.22 -4.78 -14.64
N ASP A 292 16.93 -4.60 -14.97
CA ASP A 292 15.92 -5.69 -14.88
C ASP A 292 16.33 -6.83 -15.82
N ARG A 293 16.75 -6.46 -17.03
CA ARG A 293 17.24 -7.41 -18.02
C ARG A 293 18.37 -8.25 -17.43
N ILE A 294 19.34 -7.60 -16.78
CA ILE A 294 20.51 -8.28 -16.22
C ILE A 294 20.10 -9.07 -14.97
N LEU A 295 19.16 -8.54 -14.19
CA LEU A 295 18.72 -9.20 -12.96
C LEU A 295 18.02 -10.53 -13.30
N THR A 296 17.29 -10.55 -14.42
CA THR A 296 16.57 -11.72 -14.89
C THR A 296 17.55 -12.81 -15.33
N LEU A 297 18.62 -12.41 -16.02
CA LEU A 297 19.59 -13.35 -16.60
C LEU A 297 20.49 -13.96 -15.51
N THR A 298 20.58 -13.32 -14.33
CA THR A 298 21.42 -13.77 -13.24
C THR A 298 20.71 -14.91 -12.48
N GLU B 1 43.49 26.97 -9.64
CA GLU B 1 44.89 26.76 -9.09
C GLU B 1 45.17 27.86 -8.06
N LEU B 2 46.05 27.56 -7.11
CA LEU B 2 46.24 28.37 -5.91
C LEU B 2 47.51 29.22 -6.08
N PRO B 3 47.43 30.56 -5.86
CA PRO B 3 48.58 31.44 -6.09
C PRO B 3 49.73 31.21 -5.11
N GLU B 4 50.93 31.71 -5.44
CA GLU B 4 52.10 31.63 -4.58
C GLU B 4 52.01 32.69 -3.46
N ASP B 5 52.50 32.30 -2.28
CA ASP B 5 52.76 33.19 -1.16
C ASP B 5 54.01 32.67 -0.43
N PRO B 6 55.22 33.07 -0.88
CA PRO B 6 56.46 32.52 -0.33
C PRO B 6 56.66 32.68 1.18
N LYS B 7 56.03 33.70 1.77
CA LYS B 7 56.13 33.98 3.21
C LYS B 7 55.67 32.76 4.03
N TRP B 8 54.54 32.17 3.60
CA TRP B 8 53.85 31.11 4.36
C TRP B 8 54.15 29.70 3.81
N GLU B 9 54.50 29.60 2.52
CA GLU B 9 54.67 28.30 1.84
C GLU B 9 55.70 27.43 2.59
N PHE B 10 55.36 26.15 2.75
CA PHE B 10 56.22 25.18 3.39
C PHE B 10 56.44 24.01 2.42
N PRO B 11 57.69 23.50 2.28
CA PRO B 11 57.96 22.37 1.39
C PRO B 11 57.33 21.06 1.89
N ARG B 12 56.71 20.32 0.96
CA ARG B 12 55.91 19.13 1.26
C ARG B 12 56.79 17.98 1.79
N ASP B 13 58.03 17.88 1.32
CA ASP B 13 58.87 16.71 1.63
C ASP B 13 59.28 16.71 3.11
N LYS B 14 59.24 17.88 3.76
CA LYS B 14 59.63 18.02 5.18
C LYS B 14 58.45 17.71 6.12
N LEU B 15 57.21 17.91 5.64
CA LEU B 15 56.00 17.57 6.38
C LEU B 15 55.81 16.04 6.37
N THR B 16 55.44 15.49 7.53
CA THR B 16 55.17 14.06 7.71
C THR B 16 53.82 13.88 8.40
N LEU B 17 52.83 13.37 7.65
CA LEU B 17 51.45 13.24 8.12
C LEU B 17 51.36 12.11 9.15
N GLY B 18 50.32 12.17 9.98
CA GLY B 18 50.10 11.21 11.07
C GLY B 18 48.63 10.98 11.32
N LYS B 19 48.30 10.63 12.57
CA LYS B 19 46.97 10.16 12.93
C LYS B 19 45.94 11.26 12.73
N PRO B 20 44.71 10.94 12.27
CA PRO B 20 43.63 11.93 12.19
C PRO B 20 43.16 12.35 13.60
N LEU B 21 43.16 13.66 13.86
CA LEU B 21 42.75 14.21 15.14
C LEU B 21 41.23 14.26 15.24
N GLY B 22 40.56 14.54 14.12
CA GLY B 22 39.12 14.48 14.07
C GLY B 22 38.58 14.36 12.65
N GLU B 23 37.39 13.74 12.57
CA GLU B 23 36.47 13.93 11.44
C GLU B 23 35.36 14.88 11.91
N GLY B 24 35.43 16.14 11.45
CA GLY B 24 34.33 17.08 11.62
C GLY B 24 33.33 16.85 10.51
N CYS B 25 32.35 17.74 10.38
CA CYS B 25 31.27 17.59 9.40
C CYS B 25 31.79 17.96 8.00
N PHE B 26 32.56 19.04 7.88
CA PHE B 26 33.07 19.47 6.57
C PHE B 26 34.55 19.82 6.67
N GLY B 27 35.29 19.01 7.45
CA GLY B 27 36.77 19.23 7.56
C GLY B 27 37.51 17.99 8.04
N GLN B 28 38.83 17.94 7.72
CA GLN B 28 39.73 16.89 8.21
C GLN B 28 41.01 17.49 8.78
N VAL B 29 41.32 17.14 10.04
CA VAL B 29 42.52 17.60 10.75
C VAL B 29 43.35 16.38 11.13
N VAL B 30 44.64 16.39 10.80
CA VAL B 30 45.55 15.29 11.12
C VAL B 30 46.79 15.86 11.83
N MET B 31 47.38 15.03 12.71
CA MET B 31 48.63 15.32 13.39
C MET B 31 49.77 15.18 12.36
N ALA B 32 50.88 15.88 12.58
CA ALA B 32 52.03 15.83 11.69
C ALA B 32 53.28 16.38 12.38
N GLU B 33 54.43 15.81 12.02
CA GLU B 33 55.74 16.36 12.39
C GLU B 33 56.25 17.20 11.20
N ALA B 34 56.69 18.42 11.48
CA ALA B 34 57.17 19.34 10.43
C ALA B 34 58.58 19.83 10.79
N VAL B 35 59.54 19.62 9.88
CA VAL B 35 60.95 19.92 10.11
C VAL B 35 61.25 21.34 9.64
N GLY B 36 61.69 22.19 10.56
CA GLY B 36 62.24 23.52 10.25
C GLY B 36 61.15 24.53 9.89
N ILE B 37 59.93 24.31 10.41
CA ILE B 37 58.81 25.23 10.17
C ILE B 37 59.07 26.54 10.93
N ASP B 38 59.74 26.41 12.08
CA ASP B 38 60.27 27.54 12.83
C ASP B 38 61.65 27.89 12.25
N LYS B 39 61.72 28.99 11.50
CA LYS B 39 62.91 29.38 10.72
C LYS B 39 64.12 29.59 11.65
N ASP B 40 63.87 30.00 12.89
CA ASP B 40 64.91 30.35 13.87
C ASP B 40 65.68 29.10 14.34
N LYS B 41 65.08 27.91 14.23
CA LYS B 41 65.74 26.64 14.57
C LYS B 41 65.45 25.60 13.48
N PRO B 42 66.11 25.70 12.29
CA PRO B 42 65.76 24.89 11.12
C PRO B 42 65.89 23.36 11.24
N LYS B 43 66.71 22.88 12.17
CA LYS B 43 67.06 21.47 12.30
C LYS B 43 65.98 20.72 13.08
N GLU B 44 65.33 21.39 14.04
CA GLU B 44 64.36 20.76 14.94
C GLU B 44 63.03 20.48 14.21
N ALA B 45 62.34 19.44 14.64
CA ALA B 45 60.99 19.08 14.16
C ALA B 45 59.98 19.41 15.25
N VAL B 46 58.75 19.78 14.84
CA VAL B 46 57.69 20.16 15.78
C VAL B 46 56.39 19.47 15.36
N THR B 47 55.62 19.05 16.37
CA THR B 47 54.31 18.44 16.17
C THR B 47 53.30 19.55 15.86
N VAL B 48 52.70 19.48 14.67
CA VAL B 48 51.71 20.46 14.21
C VAL B 48 50.40 19.74 13.89
N ALA B 49 49.38 20.53 13.56
CA ALA B 49 48.13 20.05 13.02
C ALA B 49 47.97 20.59 11.60
N VAL B 50 47.44 19.74 10.71
CA VAL B 50 47.27 20.05 9.30
C VAL B 50 45.78 19.89 8.95
N LYS B 51 45.14 21.00 8.56
CA LYS B 51 43.77 20.93 8.05
C LYS B 51 43.83 20.79 6.53
N MET B 52 42.96 19.91 6.02
CA MET B 52 42.89 19.56 4.61
C MET B 52 41.45 19.14 4.31
N LEU B 53 41.19 18.81 3.03
CA LEU B 53 39.85 18.45 2.58
C LEU B 53 39.61 16.96 2.83
N LYS B 54 38.35 16.61 3.08
CA LYS B 54 37.89 15.21 3.15
C LYS B 54 37.92 14.61 1.73
N ASP B 55 37.76 13.29 1.65
CA ASP B 55 37.55 12.62 0.37
C ASP B 55 36.15 12.99 -0.16
N ASP B 56 35.18 13.04 0.77
CA ASP B 56 33.80 13.43 0.47
C ASP B 56 33.62 14.93 0.74
N ALA B 57 34.58 15.73 0.27
CA ALA B 57 34.53 17.20 0.40
C ALA B 57 33.59 17.78 -0.66
N THR B 58 33.07 18.99 -0.39
CA THR B 58 32.17 19.70 -1.30
C THR B 58 32.95 20.79 -2.06
N GLU B 59 32.25 21.47 -2.96
CA GLU B 59 32.81 22.56 -3.75
C GLU B 59 33.12 23.75 -2.83
N LYS B 60 32.22 23.97 -1.86
CA LYS B 60 32.25 25.11 -0.93
C LYS B 60 33.40 24.97 0.07
N ASP B 61 33.79 23.72 0.38
CA ASP B 61 34.81 23.41 1.39
C ASP B 61 36.20 23.86 0.94
N LEU B 62 36.44 23.93 -0.37
CA LEU B 62 37.74 24.31 -0.91
C LEU B 62 38.00 25.82 -0.72
N SER B 63 36.95 26.63 -0.95
CA SER B 63 37.05 28.09 -0.81
C SER B 63 37.06 28.49 0.67
N ASP B 64 36.35 27.72 1.51
CA ASP B 64 36.23 27.97 2.95
C ASP B 64 37.58 27.75 3.64
N LEU B 65 38.32 26.72 3.20
CA LEU B 65 39.65 26.42 3.73
C LEU B 65 40.63 27.54 3.38
N VAL B 66 40.52 28.05 2.14
CA VAL B 66 41.41 29.09 1.64
C VAL B 66 41.05 30.42 2.32
N SER B 67 39.74 30.71 2.40
CA SER B 67 39.23 31.88 3.11
C SER B 67 39.76 31.89 4.55
N GLU B 68 39.60 30.75 5.24
CA GLU B 68 39.99 30.64 6.64
C GLU B 68 41.50 30.87 6.77
N MET B 69 42.27 30.32 5.84
CA MET B 69 43.73 30.49 5.81
C MET B 69 44.06 31.98 5.72
N GLU B 70 43.36 32.70 4.83
CA GLU B 70 43.62 34.11 4.59
C GLU B 70 43.24 34.92 5.84
N MET B 71 42.13 34.58 6.49
CA MET B 71 41.72 35.22 7.75
C MET B 71 42.83 35.11 8.79
N MET B 72 43.46 33.92 8.85
CA MET B 72 44.45 33.61 9.89
C MET B 72 45.75 34.41 9.68
N LYS B 73 46.04 34.80 8.43
CA LYS B 73 47.24 35.57 8.12
C LYS B 73 47.12 37.02 8.65
N MET B 74 45.93 37.61 8.49
CA MET B 74 45.73 39.02 8.81
C MET B 74 45.38 39.22 10.29
N ILE B 75 44.93 38.17 10.97
CA ILE B 75 44.58 38.25 12.39
C ILE B 75 45.84 38.50 13.20
N GLY B 76 46.93 37.81 12.84
CA GLY B 76 48.22 37.92 13.52
C GLY B 76 48.32 36.92 14.67
N LYS B 77 49.46 36.96 15.38
CA LYS B 77 49.78 35.98 16.41
C LYS B 77 49.23 36.43 17.77
N HIS B 78 48.64 35.47 18.49
CA HIS B 78 48.26 35.60 19.89
C HIS B 78 48.35 34.24 20.58
N LYS B 79 48.56 34.23 21.89
CA LYS B 79 48.76 33.01 22.67
C LYS B 79 47.46 32.22 22.78
N ASN B 80 46.32 32.93 22.78
CA ASN B 80 45.02 32.33 23.10
C ASN B 80 44.16 32.17 21.83
N ILE B 81 44.80 32.06 20.66
CA ILE B 81 44.15 31.65 19.41
C ILE B 81 45.02 30.60 18.72
N ILE B 82 44.41 29.71 17.92
CA ILE B 82 45.17 28.79 17.08
C ILE B 82 45.83 29.62 15.98
N ASN B 83 47.15 29.47 15.84
CA ASN B 83 47.95 30.31 14.96
C ASN B 83 48.40 29.52 13.73
N LEU B 84 48.43 30.20 12.58
CA LEU B 84 48.95 29.69 11.32
C LEU B 84 50.47 29.54 11.43
N LEU B 85 51.00 28.38 11.05
CA LEU B 85 52.45 28.11 11.03
C LEU B 85 52.97 28.11 9.58
N GLY B 86 52.15 27.61 8.64
CA GLY B 86 52.54 27.53 7.25
C GLY B 86 51.50 26.80 6.41
N ALA B 87 51.82 26.59 5.14
CA ALA B 87 50.90 25.99 4.17
C ALA B 87 51.67 25.28 3.06
N CYS B 88 51.08 24.21 2.53
CA CYS B 88 51.45 23.62 1.26
C CYS B 88 50.32 23.90 0.27
N THR B 89 50.57 24.82 -0.66
CA THR B 89 49.56 25.33 -1.61
C THR B 89 49.88 24.87 -3.04
N GLN B 90 51.16 24.56 -3.32
CA GLN B 90 51.67 24.37 -4.67
C GLN B 90 51.79 22.87 -5.00
N ASP B 91 51.37 22.52 -6.22
CA ASP B 91 51.68 21.25 -6.87
C ASP B 91 51.39 20.09 -5.90
N GLY B 92 50.11 19.99 -5.51
CA GLY B 92 49.61 18.99 -4.58
C GLY B 92 48.30 19.44 -3.93
N PRO B 93 47.74 18.65 -2.98
CA PRO B 93 46.55 19.07 -2.24
C PRO B 93 46.91 20.11 -1.16
N LEU B 94 45.93 20.95 -0.80
CA LEU B 94 46.14 22.08 0.12
C LEU B 94 46.24 21.56 1.56
N TYR B 95 47.43 21.75 2.16
CA TYR B 95 47.66 21.50 3.57
C TYR B 95 47.88 22.83 4.29
N VAL B 96 46.95 23.17 5.20
CA VAL B 96 47.09 24.35 6.07
C VAL B 96 47.62 23.87 7.42
N ILE B 97 48.83 24.36 7.77
CA ILE B 97 49.53 23.95 8.98
C ILE B 97 49.26 24.97 10.09
N VAL B 98 48.73 24.47 11.23
CA VAL B 98 48.37 25.28 12.38
C VAL B 98 48.92 24.60 13.64
N GLU B 99 48.92 25.35 14.75
CA GLU B 99 49.37 24.88 16.05
C GLU B 99 48.63 23.60 16.43
N TYR B 100 49.32 22.74 17.18
CA TYR B 100 48.76 21.51 17.73
C TYR B 100 48.26 21.78 19.16
N ALA B 101 47.07 21.23 19.48
CA ALA B 101 46.49 21.30 20.82
C ALA B 101 46.16 19.88 21.30
N SER B 102 47.02 19.33 22.17
CA SER B 102 47.09 17.91 22.48
C SER B 102 45.90 17.42 23.32
N LYS B 103 45.24 18.34 24.04
CA LYS B 103 44.19 17.95 25.00
C LYS B 103 42.78 18.16 24.42
N GLY B 104 42.71 18.50 23.12
CA GLY B 104 41.43 18.52 22.38
C GLY B 104 40.57 19.73 22.70
N ASN B 105 39.27 19.65 22.35
CA ASN B 105 38.36 20.78 22.51
C ASN B 105 37.94 20.89 23.97
N LEU B 106 37.51 22.09 24.37
CA LEU B 106 37.33 22.45 25.76
C LEU B 106 36.11 21.71 26.34
N ARG B 107 35.14 21.36 25.50
CA ARG B 107 33.93 20.67 25.95
C ARG B 107 34.30 19.27 26.44
N GLU B 108 35.05 18.51 25.62
CA GLU B 108 35.47 17.15 25.97
C GLU B 108 36.46 17.20 27.13
N TYR B 109 37.38 18.16 27.09
CA TYR B 109 38.38 18.41 28.13
C TYR B 109 37.70 18.57 29.49
N LEU B 110 36.61 19.33 29.53
CA LEU B 110 35.89 19.62 30.77
C LEU B 110 35.07 18.40 31.21
N ARG B 111 34.41 17.73 30.26
CA ARG B 111 33.60 16.53 30.54
C ARG B 111 34.50 15.38 31.05
N ALA B 112 35.73 15.31 30.53
CA ALA B 112 36.70 14.30 30.91
C ALA B 112 37.22 14.56 32.33
N ARG B 113 37.13 15.81 32.81
CA ARG B 113 37.63 16.17 34.13
C ARG B 113 36.48 16.55 35.08
N ARG B 114 35.28 16.02 34.80
CA ARG B 114 34.17 16.04 35.72
C ARG B 114 34.43 15.03 36.82
N PRO B 115 33.87 15.23 38.03
CA PRO B 115 33.84 14.18 39.06
C PRO B 115 33.13 12.90 38.61
N PRO B 116 33.54 11.71 39.10
CA PRO B 116 32.88 10.44 38.73
C PRO B 116 31.39 10.38 39.09
N GLY B 117 30.59 9.80 38.18
CA GLY B 117 29.15 9.69 38.31
C GLY B 117 28.40 10.66 37.42
N MET B 118 29.10 11.69 36.91
CA MET B 118 28.49 12.77 36.12
C MET B 118 28.03 12.23 34.76
N GLU B 119 27.15 12.99 34.11
CA GLU B 119 26.44 12.55 32.90
C GLU B 119 27.44 12.12 31.82
N PTR B 120 28.58 12.81 31.72
CA PTR B 120 29.51 12.57 30.63
C PTR B 120 30.88 11.99 31.00
O PTR B 120 31.78 11.96 30.15
CB PTR B 120 29.70 13.91 29.90
CG PTR B 120 28.47 14.15 29.06
CD1 PTR B 120 27.42 14.90 29.58
CD2 PTR B 120 28.37 13.60 27.78
CE1 PTR B 120 26.28 15.10 28.82
CE2 PTR B 120 27.22 13.81 27.02
CZ PTR B 120 26.17 14.57 27.54
OH PTR B 120 25.03 14.79 26.80
P PTR B 120 24.69 16.22 26.12
O1P PTR B 120 23.28 16.01 25.60
O2P PTR B 120 25.73 16.37 25.03
O3P PTR B 120 24.77 17.24 27.23
N SER B 121 31.04 11.50 32.23
CA SER B 121 32.31 10.93 32.68
C SER B 121 32.40 9.47 32.24
N PTR B 122 33.39 9.15 31.41
CA PTR B 122 33.70 7.79 31.02
C PTR B 122 35.07 7.41 31.57
O PTR B 122 36.03 8.15 31.42
CB PTR B 122 33.74 7.61 29.51
CG PTR B 122 32.37 7.92 28.96
CD1 PTR B 122 32.18 9.04 28.14
CD2 PTR B 122 31.30 7.11 29.30
CE1 PTR B 122 30.91 9.33 27.65
CE2 PTR B 122 30.03 7.39 28.81
CZ PTR B 122 29.83 8.49 27.98
OH PTR B 122 28.59 8.81 27.49
P PTR B 122 27.20 8.46 28.26
O1P PTR B 122 26.19 9.40 27.62
O2P PTR B 122 27.42 8.70 29.73
O3P PTR B 122 27.00 7.01 27.90
N ASP B 123 35.12 6.24 32.21
CA ASP B 123 36.31 5.62 32.78
C ASP B 123 37.51 5.65 31.82
N ILE B 124 37.26 5.42 30.52
CA ILE B 124 38.35 5.27 29.53
C ILE B 124 38.90 6.64 29.10
N ASN B 125 38.09 7.70 29.24
CA ASN B 125 38.45 9.05 28.79
C ASN B 125 38.79 9.96 29.98
N ARG B 126 38.34 9.58 31.19
CA ARG B 126 38.32 10.44 32.37
C ARG B 126 39.74 10.64 32.90
N VAL B 127 40.05 11.89 33.28
CA VAL B 127 41.29 12.26 33.98
C VAL B 127 40.91 12.91 35.31
N PRO B 128 40.65 12.15 36.40
CA PRO B 128 40.22 12.75 37.67
C PRO B 128 41.38 13.35 38.48
N GLU B 129 42.61 12.93 38.18
CA GLU B 129 43.85 13.52 38.75
C GLU B 129 44.05 14.98 38.28
N GLU B 130 43.47 15.33 37.13
CA GLU B 130 43.46 16.72 36.62
C GLU B 130 42.03 17.28 36.71
N GLN B 131 41.35 16.98 37.82
CA GLN B 131 39.97 17.45 38.10
C GLN B 131 39.97 18.97 38.15
N MET B 132 38.85 19.58 37.75
CA MET B 132 38.80 21.03 37.49
C MET B 132 38.44 21.80 38.77
N THR B 133 39.36 22.66 39.24
CA THR B 133 39.14 23.52 40.40
C THR B 133 38.43 24.80 39.93
N PHE B 134 37.99 25.61 40.90
CA PHE B 134 37.32 26.87 40.62
C PHE B 134 38.30 27.84 39.94
N LYS B 135 39.52 27.92 40.50
CA LYS B 135 40.56 28.80 39.97
C LYS B 135 40.90 28.37 38.53
N ASP B 136 40.86 27.07 38.27
CA ASP B 136 41.14 26.53 36.93
C ASP B 136 40.10 27.04 35.92
N LEU B 137 38.82 27.01 36.30
CA LEU B 137 37.72 27.43 35.41
C LEU B 137 37.79 28.94 35.14
N VAL B 138 38.02 29.73 36.19
CA VAL B 138 38.17 31.18 36.08
C VAL B 138 39.35 31.46 35.14
N SER B 139 40.43 30.68 35.23
CA SER B 139 41.63 30.87 34.42
C SER B 139 41.37 30.49 32.95
N CYS B 140 40.46 29.53 32.71
CA CYS B 140 40.01 29.20 31.36
CA CYS B 140 40.00 29.20 31.36
C CYS B 140 39.32 30.42 30.74
N THR B 141 38.33 30.96 31.46
CA THR B 141 37.52 32.10 31.06
C THR B 141 38.42 33.30 30.72
N TYR B 142 39.32 33.65 31.64
CA TYR B 142 40.21 34.81 31.51
C TYR B 142 41.09 34.67 30.26
N GLN B 143 41.63 33.48 30.04
CA GLN B 143 42.47 33.19 28.89
C GLN B 143 41.68 33.42 27.59
N LEU B 144 40.41 33.01 27.60
CA LEU B 144 39.55 33.10 26.42
C LEU B 144 39.13 34.56 26.19
N ALA B 145 38.94 35.32 27.28
CA ALA B 145 38.63 36.74 27.22
C ALA B 145 39.79 37.52 26.57
N ARG B 146 41.02 37.10 26.89
CA ARG B 146 42.22 37.72 26.32
C ARG B 146 42.26 37.44 24.80
N GLY B 147 42.11 36.17 24.42
CA GLY B 147 41.97 35.77 23.02
C GLY B 147 40.94 36.62 22.30
N MET B 148 39.75 36.76 22.89
CA MET B 148 38.65 37.47 22.24
C MET B 148 38.93 38.98 22.24
N GLU B 149 39.60 39.50 23.28
CA GLU B 149 39.95 40.93 23.33
C GLU B 149 40.90 41.24 22.16
N TYR B 150 41.82 40.31 21.88
CA TYR B 150 42.76 40.48 20.79
C TYR B 150 42.00 40.53 19.46
N LEU B 151 41.17 39.52 19.19
CA LEU B 151 40.37 39.46 17.97
C LEU B 151 39.60 40.77 17.77
N ALA B 152 39.04 41.31 18.86
CA ALA B 152 38.23 42.54 18.79
C ALA B 152 39.11 43.75 18.50
N SER B 153 40.36 43.74 18.99
CA SER B 153 41.33 44.80 18.73
C SER B 153 41.76 44.79 17.25
N GLN B 154 41.63 43.64 16.59
CA GLN B 154 41.89 43.48 15.15
C GLN B 154 40.62 43.74 14.34
N LYS B 155 39.58 44.30 15.00
CA LYS B 155 38.32 44.68 14.37
C LYS B 155 37.73 43.47 13.63
N CYS B 156 37.85 42.30 14.27
CA CYS B 156 37.40 41.02 13.72
CA CYS B 156 37.40 41.03 13.72
C CYS B 156 36.34 40.44 14.66
N ILE B 157 35.29 39.83 14.07
CA ILE B 157 34.24 39.14 14.83
C ILE B 157 34.34 37.64 14.52
N HIS B 158 34.00 36.82 15.51
CA HIS B 158 34.16 35.38 15.43
C HIS B 158 32.85 34.73 14.95
N ARG B 159 31.77 34.98 15.71
CA ARG B 159 30.38 34.61 15.35
C ARG B 159 30.09 33.12 15.62
N ASP B 160 31.04 32.39 16.21
CA ASP B 160 30.89 30.95 16.44
C ASP B 160 31.70 30.54 17.69
N LEU B 161 31.62 31.38 18.72
CA LEU B 161 32.37 31.22 19.95
C LEU B 161 31.66 30.19 20.84
N THR B 162 32.16 28.95 20.80
CA THR B 162 31.57 27.82 21.49
C THR B 162 32.72 26.98 22.07
N ALA B 163 32.42 26.21 23.12
CA ALA B 163 33.41 25.40 23.83
C ALA B 163 34.05 24.38 22.86
N ARG B 164 33.24 23.85 21.93
CA ARG B 164 33.68 22.88 20.91
C ARG B 164 34.71 23.51 19.97
N ASN B 165 34.72 24.84 19.87
CA ASN B 165 35.60 25.58 18.96
C ASN B 165 36.74 26.25 19.75
N VAL B 166 36.94 25.83 21.00
CA VAL B 166 38.09 26.18 21.80
C VAL B 166 38.92 24.92 21.99
N LEU B 167 40.23 25.00 21.70
CA LEU B 167 41.17 23.88 21.86
C LEU B 167 42.08 24.14 23.05
N VAL B 168 42.68 23.06 23.56
CA VAL B 168 43.54 23.09 24.75
C VAL B 168 44.88 22.44 24.39
N THR B 169 45.99 23.17 24.59
CA THR B 169 47.33 22.65 24.33
C THR B 169 47.80 21.76 25.47
N GLU B 170 49.01 21.19 25.30
CA GLU B 170 49.67 20.34 26.28
C GLU B 170 49.84 21.09 27.61
N ASN B 171 50.11 22.39 27.56
CA ASN B 171 50.35 23.22 28.75
C ASN B 171 49.05 23.89 29.21
N ASN B 172 47.90 23.32 28.83
CA ASN B 172 46.57 23.78 29.26
C ASN B 172 46.40 25.27 28.95
N VAL B 173 46.83 25.70 27.77
CA VAL B 173 46.56 27.03 27.25
C VAL B 173 45.28 26.95 26.43
N MET B 174 44.33 27.84 26.69
CA MET B 174 43.07 27.87 25.93
C MET B 174 43.33 28.59 24.60
N LYS B 175 42.94 27.97 23.49
CA LYS B 175 43.11 28.55 22.16
C LYS B 175 41.77 28.55 21.42
N ILE B 176 41.33 29.75 21.01
CA ILE B 176 40.13 29.95 20.21
C ILE B 176 40.43 29.50 18.78
N ALA B 177 39.49 28.77 18.17
CA ALA B 177 39.68 28.12 16.88
C ALA B 177 38.45 28.35 16.00
N ASP B 178 38.47 27.74 14.81
CA ASP B 178 37.46 27.88 13.72
C ASP B 178 37.19 29.36 13.41
N PHE B 179 37.91 29.90 12.42
CA PHE B 179 37.68 31.24 11.90
C PHE B 179 36.89 31.17 10.58
N GLY B 180 36.10 30.10 10.42
CA GLY B 180 35.30 29.88 9.23
C GLY B 180 34.30 31.00 9.02
N LEU B 181 33.53 31.32 10.07
CA LEU B 181 32.46 32.30 10.00
C LEU B 181 32.96 33.70 10.39
N ALA B 182 34.23 33.81 10.76
CA ALA B 182 34.84 35.05 11.19
C ALA B 182 34.83 36.07 10.04
N ARG B 183 34.62 37.35 10.37
CA ARG B 183 34.51 38.43 9.40
C ARG B 183 35.26 39.66 9.92
N ASP B 184 35.71 40.51 8.99
CA ASP B 184 36.39 41.75 9.29
C ASP B 184 35.38 42.91 9.17
N ILE B 185 35.31 43.75 10.21
CA ILE B 185 34.39 44.86 10.25
C ILE B 185 35.16 46.13 10.57
N ASN B 186 36.33 46.30 9.92
CA ASN B 186 37.20 47.45 10.09
C ASN B 186 36.52 48.70 9.53
N ASN B 187 36.02 48.62 8.30
CA ASN B 187 35.49 49.74 7.55
C ASN B 187 33.97 49.82 7.73
N ILE B 188 33.31 48.71 7.35
CA ILE B 188 31.95 48.48 7.72
C ILE B 188 31.91 48.46 9.25
N ASP B 189 31.00 49.24 9.83
CA ASP B 189 30.95 49.47 11.27
C ASP B 189 30.43 48.22 11.97
N PTR B 190 29.57 47.47 11.26
CA PTR B 190 28.96 46.26 11.77
C PTR B 190 28.81 45.38 10.56
O PTR B 190 29.03 45.81 9.43
CB PTR B 190 27.59 46.53 12.39
CG PTR B 190 26.68 47.19 11.37
CD1 PTR B 190 25.63 46.52 10.77
CD2 PTR B 190 26.93 48.51 11.03
CE1 PTR B 190 24.82 47.17 9.83
CE2 PTR B 190 26.14 49.16 10.11
CZ PTR B 190 25.08 48.51 9.50
OH PTR B 190 24.30 49.17 8.57
P PTR B 190 24.16 50.79 8.44
O1P PTR B 190 22.89 50.96 7.65
O2P PTR B 190 25.40 51.26 7.70
O3P PTR B 190 24.04 51.29 9.86
N PTR B 191 28.41 44.13 10.79
CA PTR B 191 28.19 43.15 9.73
C PTR B 191 26.72 43.01 9.45
O PTR B 191 25.94 42.86 10.37
CB PTR B 191 28.74 41.81 10.21
CG PTR B 191 28.74 40.78 9.10
CD1 PTR B 191 29.76 40.77 8.17
CD2 PTR B 191 27.71 39.84 9.02
CE1 PTR B 191 29.76 39.82 7.16
CE2 PTR B 191 27.72 38.88 8.01
CZ PTR B 191 28.76 38.87 7.08
OH PTR B 191 28.85 37.95 6.05
P PTR B 191 27.82 36.72 5.69
O1P PTR B 191 26.49 37.33 5.29
O2P PTR B 191 27.71 35.79 6.89
O3P PTR B 191 28.49 36.05 4.53
N LYS B 192 26.34 43.05 8.16
CA LYS B 192 24.98 42.82 7.72
C LYS B 192 24.82 41.34 7.34
N LYS B 193 23.97 40.63 8.08
CA LYS B 193 23.81 39.17 7.93
C LYS B 193 23.01 38.86 6.67
N THR B 194 23.11 37.60 6.20
CA THR B 194 22.20 37.04 5.20
C THR B 194 20.95 36.53 5.90
N THR B 195 19.93 36.18 5.11
CA THR B 195 18.72 35.51 5.60
C THR B 195 19.05 34.03 5.77
N ASN B 196 18.82 33.51 6.98
CA ASN B 196 19.13 32.13 7.37
C ASN B 196 20.65 31.96 7.45
N GLY B 197 21.26 32.55 8.48
CA GLY B 197 22.68 32.43 8.76
C GLY B 197 23.02 31.06 9.35
N ARG B 198 24.30 30.69 9.23
CA ARG B 198 24.79 29.37 9.64
C ARG B 198 25.53 29.49 10.98
N LEU B 199 24.90 30.15 11.96
CA LEU B 199 25.44 30.35 13.30
C LEU B 199 24.59 29.59 14.31
N PRO B 200 25.19 29.00 15.38
CA PRO B 200 24.42 28.24 16.38
C PRO B 200 23.53 29.14 17.26
N VAL B 201 22.26 28.76 17.39
CA VAL B 201 21.19 29.68 17.79
C VAL B 201 21.28 29.96 19.30
N LYS B 202 21.69 28.95 20.08
CA LYS B 202 21.75 29.04 21.54
C LYS B 202 22.93 29.90 22.01
N TRP B 203 23.87 30.21 21.10
CA TRP B 203 25.00 31.08 21.39
C TRP B 203 24.83 32.47 20.76
N MET B 204 23.72 32.68 20.04
CA MET B 204 23.54 33.87 19.22
C MET B 204 22.84 34.95 20.05
N ALA B 205 23.32 36.19 19.88
CA ALA B 205 22.75 37.37 20.53
C ALA B 205 21.44 37.74 19.86
N PRO B 206 20.48 38.38 20.55
CA PRO B 206 19.18 38.72 19.96
C PRO B 206 19.28 39.55 18.66
N GLU B 207 20.28 40.45 18.56
CA GLU B 207 20.46 41.30 17.37
C GLU B 207 20.81 40.42 16.17
N ALA B 208 21.77 39.51 16.36
CA ALA B 208 22.21 38.60 15.32
C ALA B 208 21.03 37.72 14.86
N LEU B 209 20.16 37.38 15.82
CA LEU B 209 19.06 36.46 15.59
C LEU B 209 17.92 37.15 14.84
N PHE B 210 17.57 38.37 15.27
CA PHE B 210 16.35 39.04 14.81
C PHE B 210 16.66 40.17 13.83
N ASP B 211 17.71 40.96 14.09
CA ASP B 211 17.97 42.24 13.39
C ASP B 211 19.04 42.11 12.31
N ARG B 212 19.60 40.91 12.14
CA ARG B 212 20.60 40.64 11.10
C ARG B 212 21.75 41.65 11.22
N VAL B 213 22.25 41.88 12.44
CA VAL B 213 23.48 42.64 12.66
C VAL B 213 24.40 41.88 13.62
N TYR B 214 25.71 42.15 13.52
CA TYR B 214 26.70 41.55 14.39
C TYR B 214 27.81 42.56 14.65
N THR B 215 28.05 42.84 15.94
CA THR B 215 29.15 43.64 16.41
C THR B 215 29.99 42.80 17.37
N HIS B 216 31.05 43.38 17.92
CA HIS B 216 31.86 42.75 18.95
C HIS B 216 31.00 42.44 20.19
N GLN B 217 29.96 43.25 20.41
CA GLN B 217 29.06 43.09 21.55
C GLN B 217 28.16 41.85 21.38
N SER B 218 28.04 41.34 20.15
CA SER B 218 27.37 40.08 19.88
C SER B 218 28.25 38.89 20.29
N ASP B 219 29.57 39.04 20.14
CA ASP B 219 30.55 38.06 20.59
C ASP B 219 30.57 38.00 22.12
N VAL B 220 30.37 39.15 22.77
CA VAL B 220 30.32 39.21 24.24
C VAL B 220 29.18 38.32 24.74
N TRP B 221 28.02 38.39 24.08
CA TRP B 221 26.88 37.55 24.43
C TRP B 221 27.29 36.08 24.32
N SER B 222 27.88 35.72 23.19
CA SER B 222 28.35 34.36 22.94
C SER B 222 29.33 33.93 24.04
N PHE B 223 30.22 34.85 24.46
CA PHE B 223 31.15 34.62 25.56
C PHE B 223 30.38 34.33 26.85
N GLY B 224 29.25 35.03 27.03
CA GLY B 224 28.34 34.80 28.14
C GLY B 224 27.93 33.34 28.25
N VAL B 225 27.61 32.74 27.11
CA VAL B 225 27.12 31.37 27.02
C VAL B 225 28.31 30.42 27.24
N LEU B 226 29.47 30.75 26.66
CA LEU B 226 30.70 29.97 26.83
C LEU B 226 31.07 29.86 28.32
N MET B 227 30.95 30.97 29.06
CA MET B 227 31.16 30.97 30.51
C MET B 227 30.25 29.93 31.18
N TRP B 228 28.96 29.96 30.84
CA TRP B 228 27.99 29.01 31.38
C TRP B 228 28.44 27.59 31.05
N GLU B 229 28.76 27.34 29.78
CA GLU B 229 29.33 26.08 29.32
C GLU B 229 30.48 25.66 30.24
N ILE B 230 31.42 26.58 30.49
CA ILE B 230 32.64 26.28 31.25
C ILE B 230 32.28 25.90 32.70
N PHE B 231 31.42 26.66 33.35
CA PHE B 231 31.12 26.44 34.79
C PHE B 231 30.08 25.33 34.98
N THR B 232 29.57 24.74 33.89
CA THR B 232 28.83 23.50 33.95
C THR B 232 29.72 22.35 33.45
N LEU B 233 31.03 22.59 33.37
CA LEU B 233 32.02 21.61 32.93
C LEU B 233 31.55 20.90 31.66
N GLY B 234 31.15 21.71 30.66
CA GLY B 234 30.78 21.23 29.33
C GLY B 234 29.30 20.96 29.18
N GLY B 235 28.46 21.57 30.03
CA GLY B 235 27.00 21.51 29.87
C GLY B 235 26.58 22.11 28.55
N SER B 236 25.37 21.79 28.09
CA SER B 236 24.83 22.40 26.87
C SER B 236 23.74 23.41 27.22
N PRO B 237 23.79 24.62 26.63
CA PRO B 237 22.94 25.73 27.05
C PRO B 237 21.43 25.47 26.91
N TYR B 238 20.64 26.31 27.59
CA TYR B 238 19.17 26.21 27.69
C TYR B 238 18.77 24.74 27.72
N PRO B 239 19.20 23.98 28.75
CA PRO B 239 18.92 22.54 28.80
C PRO B 239 17.42 22.25 28.83
N GLY B 240 16.98 21.34 27.94
CA GLY B 240 15.59 20.90 27.83
C GLY B 240 14.78 21.74 26.86
N ILE B 241 15.27 22.95 26.56
CA ILE B 241 14.54 23.93 25.75
C ILE B 241 14.99 23.78 24.30
N PRO B 242 14.07 23.46 23.37
CA PRO B 242 14.42 23.32 21.96
C PRO B 242 14.57 24.68 21.27
N VAL B 243 15.31 24.68 20.16
CA VAL B 243 15.64 25.89 19.41
C VAL B 243 14.36 26.61 18.97
N GLU B 244 13.36 25.85 18.52
CA GLU B 244 12.04 26.37 18.11
C GLU B 244 11.47 27.27 19.23
N GLU B 245 11.55 26.77 20.47
CA GLU B 245 10.89 27.32 21.63
C GLU B 245 11.77 28.39 22.31
N LEU B 246 12.97 28.65 21.77
CA LEU B 246 13.94 29.59 22.36
C LEU B 246 13.68 31.02 21.87
N PHE B 247 13.36 31.16 20.58
CA PHE B 247 13.11 32.46 19.95
C PHE B 247 12.15 33.29 20.82
N LYS B 248 11.00 32.71 21.16
CA LYS B 248 9.94 33.41 21.89
C LYS B 248 10.41 33.74 23.31
N LEU B 249 11.16 32.81 23.93
CA LEU B 249 11.61 32.94 25.33
C LEU B 249 12.60 34.10 25.48
N LEU B 250 13.52 34.26 24.52
CA LEU B 250 14.53 35.34 24.56
C LEU B 250 13.86 36.70 24.44
N LYS B 251 12.81 36.77 23.59
CA LYS B 251 12.04 38.01 23.40
C LYS B 251 11.26 38.36 24.68
N GLU B 252 10.92 37.35 25.48
CA GLU B 252 10.21 37.55 26.76
C GLU B 252 11.19 37.80 27.91
N GLY B 253 12.50 37.65 27.64
CA GLY B 253 13.57 38.03 28.57
C GLY B 253 14.11 36.86 29.40
N HIS B 254 13.78 35.64 28.99
CA HIS B 254 14.29 34.44 29.64
C HIS B 254 15.81 34.35 29.46
N ARG B 255 16.50 33.97 30.54
CA ARG B 255 17.94 33.72 30.53
C ARG B 255 18.20 32.46 31.37
N MET B 256 19.41 31.91 31.25
CA MET B 256 19.79 30.67 31.94
C MET B 256 20.04 30.95 33.43
N ASP B 257 19.71 29.96 34.26
CA ASP B 257 19.93 30.04 35.70
C ASP B 257 21.43 29.91 35.98
N LYS B 258 21.81 30.19 37.24
CA LYS B 258 23.19 30.08 37.70
C LYS B 258 23.59 28.61 37.75
N PRO B 259 24.74 28.23 37.15
CA PRO B 259 25.36 26.92 37.41
C PRO B 259 25.70 26.81 38.90
N ALA B 260 25.60 25.59 39.43
CA ALA B 260 25.87 25.33 40.84
C ALA B 260 27.35 25.60 41.15
N ASN B 261 28.24 25.27 40.22
CA ASN B 261 29.69 25.38 40.37
C ASN B 261 30.17 26.80 39.98
N CYS B 262 29.50 27.83 40.50
CA CYS B 262 29.62 29.20 39.97
C CYS B 262 29.18 30.20 41.04
N THR B 263 30.00 31.22 41.30
CA THR B 263 29.69 32.23 42.32
C THR B 263 28.60 33.17 41.79
N ASN B 264 28.07 34.00 42.70
CA ASN B 264 27.06 35.00 42.40
C ASN B 264 27.66 36.08 41.49
N GLU B 265 28.95 36.36 41.70
CA GLU B 265 29.68 37.38 40.97
C GLU B 265 29.79 36.98 39.49
N LEU B 266 30.28 35.76 39.24
CA LEU B 266 30.50 35.26 37.87
C LEU B 266 29.17 35.17 37.13
N TYR B 267 28.10 34.76 37.81
CA TYR B 267 26.77 34.66 37.20
C TYR B 267 26.32 36.06 36.75
N MET B 268 26.57 37.07 37.58
CA MET B 268 26.22 38.44 37.24
C MET B 268 27.00 38.90 36.02
N MET B 269 28.23 38.41 35.86
CA MET B 269 29.07 38.70 34.69
C MET B 269 28.44 38.10 33.42
N MET B 270 27.94 36.86 33.52
CA MET B 270 27.21 36.21 32.42
C MET B 270 25.97 37.04 32.06
N ARG B 271 25.25 37.51 33.08
CA ARG B 271 23.98 38.21 32.86
C ARG B 271 24.23 39.61 32.31
N ASP B 272 25.37 40.21 32.70
CA ASP B 272 25.84 41.45 32.09
C ASP B 272 26.08 41.20 30.59
N CYS B 273 26.71 40.07 30.27
CA CYS B 273 26.94 39.64 28.88
C CYS B 273 25.60 39.48 28.13
N TRP B 274 24.55 39.06 28.83
CA TRP B 274 23.25 38.74 28.20
C TRP B 274 22.24 39.90 28.33
N HIS B 275 22.73 41.15 28.44
CA HIS B 275 21.90 42.32 28.37
C HIS B 275 21.32 42.43 26.95
N ALA B 276 20.12 43.00 26.84
CA ALA B 276 19.37 43.11 25.60
C ALA B 276 19.87 44.29 24.73
N VAL B 277 20.61 45.22 25.35
CA VAL B 277 21.13 46.40 24.66
C VAL B 277 22.64 46.26 24.53
N PRO B 278 23.16 45.77 23.39
CA PRO B 278 24.59 45.46 23.24
C PRO B 278 25.64 46.41 23.84
N SER B 279 25.31 47.70 23.96
CA SER B 279 26.26 48.70 24.51
C SER B 279 26.33 48.60 26.04
N GLN B 280 25.27 48.09 26.68
CA GLN B 280 25.18 47.96 28.15
C GLN B 280 25.86 46.66 28.62
N ARG B 281 26.20 45.78 27.68
CA ARG B 281 27.06 44.62 27.92
C ARG B 281 28.49 45.10 28.13
N PRO B 282 29.34 44.36 28.88
CA PRO B 282 30.74 44.71 28.99
C PRO B 282 31.44 44.54 27.63
N THR B 283 32.56 45.24 27.44
CA THR B 283 33.48 45.00 26.33
C THR B 283 34.45 43.90 26.77
N PHE B 284 35.17 43.32 25.81
CA PHE B 284 36.14 42.28 26.12
C PHE B 284 37.23 42.86 27.04
N LYS B 285 37.58 44.13 26.83
CA LYS B 285 38.51 44.87 27.68
C LYS B 285 37.99 44.84 29.13
N GLN B 286 36.69 45.08 29.30
CA GLN B 286 36.07 45.14 30.63
C GLN B 286 36.02 43.75 31.27
N LEU B 287 35.85 42.69 30.47
CA LEU B 287 35.82 41.30 30.98
C LEU B 287 37.21 40.86 31.45
N VAL B 288 38.25 41.30 30.72
CA VAL B 288 39.62 40.96 31.03
C VAL B 288 40.02 41.61 32.36
N GLU B 289 39.64 42.88 32.54
CA GLU B 289 39.79 43.61 33.82
C GLU B 289 39.16 42.78 34.95
N ASP B 290 37.87 42.48 34.81
CA ASP B 290 37.05 41.87 35.87
C ASP B 290 37.54 40.45 36.19
N LEU B 291 37.95 39.68 35.16
CA LEU B 291 38.33 38.26 35.34
C LEU B 291 39.70 38.14 36.00
N ASP B 292 40.65 39.02 35.62
CA ASP B 292 41.99 39.06 36.23
C ASP B 292 41.85 39.36 37.72
N ARG B 293 41.01 40.35 38.05
CA ARG B 293 40.71 40.73 39.42
C ARG B 293 40.25 39.50 40.22
N ILE B 294 39.30 38.73 39.67
CA ILE B 294 38.75 37.56 40.36
C ILE B 294 39.79 36.43 40.41
N LEU B 295 40.59 36.29 39.35
CA LEU B 295 41.58 35.24 39.26
C LEU B 295 42.66 35.45 40.34
N THR B 296 42.99 36.72 40.62
CA THR B 296 43.99 37.09 41.61
C THR B 296 43.50 36.74 43.03
N LEU B 297 42.21 37.00 43.30
CA LEU B 297 41.64 36.80 44.64
C LEU B 297 41.49 35.30 44.96
N THR B 298 41.42 34.44 43.94
CA THR B 298 41.38 33.00 44.17
C THR B 298 42.82 32.50 44.37
N GLU C 1 -31.53 -17.85 15.12
CA GLU C 1 -30.89 -16.53 15.47
C GLU C 1 -29.37 -16.63 15.29
N LEU C 2 -28.76 -15.48 15.02
CA LEU C 2 -27.33 -15.32 14.81
C LEU C 2 -26.69 -14.86 16.12
N PRO C 3 -25.46 -15.32 16.47
CA PRO C 3 -24.78 -14.88 17.69
C PRO C 3 -24.42 -13.38 17.67
N GLU C 4 -24.16 -12.83 18.87
CA GLU C 4 -23.78 -11.43 19.04
C GLU C 4 -22.29 -11.28 18.72
N ASP C 5 -21.95 -10.15 18.09
CA ASP C 5 -20.57 -9.73 17.84
C ASP C 5 -20.55 -8.20 17.86
N PRO C 6 -20.43 -7.58 19.06
CA PRO C 6 -20.53 -6.12 19.19
C PRO C 6 -19.52 -5.32 18.36
N LYS C 7 -18.36 -5.93 18.05
CA LYS C 7 -17.30 -5.28 17.28
C LYS C 7 -17.82 -4.82 15.91
N TRP C 8 -18.59 -5.71 15.26
CA TRP C 8 -19.02 -5.53 13.87
C TRP C 8 -20.46 -5.03 13.76
N GLU C 9 -21.29 -5.31 14.78
CA GLU C 9 -22.74 -4.99 14.75
C GLU C 9 -22.94 -3.48 14.47
N PHE C 10 -23.89 -3.18 13.58
CA PHE C 10 -24.25 -1.82 13.24
C PHE C 10 -25.75 -1.64 13.51
N PRO C 11 -26.16 -0.53 14.15
CA PRO C 11 -27.57 -0.29 14.44
C PRO C 11 -28.41 -0.07 13.17
N ARG C 12 -29.58 -0.71 13.13
CA ARG C 12 -30.42 -0.75 11.93
C ARG C 12 -31.02 0.63 11.62
N ASP C 13 -31.28 1.44 12.66
CA ASP C 13 -32.02 2.70 12.49
C ASP C 13 -31.16 3.71 11.71
N LYS C 14 -29.82 3.55 11.72
CA LYS C 14 -28.88 4.48 11.07
C LYS C 14 -28.68 4.10 9.59
N LEU C 15 -28.86 2.82 9.26
CA LEU C 15 -28.79 2.33 7.87
C LEU C 15 -30.06 2.76 7.12
N THR C 16 -29.87 3.20 5.86
CA THR C 16 -30.96 3.64 4.96
C THR C 16 -30.76 2.97 3.60
N LEU C 17 -31.68 2.07 3.23
CA LEU C 17 -31.59 1.27 2.00
C LEU C 17 -31.83 2.16 0.77
N GLY C 18 -31.35 1.69 -0.38
CA GLY C 18 -31.50 2.38 -1.66
C GLY C 18 -31.65 1.39 -2.81
N LYS C 19 -31.27 1.81 -4.00
CA LYS C 19 -31.52 1.07 -5.23
C LYS C 19 -30.74 -0.24 -5.22
N PRO C 20 -31.31 -1.34 -5.78
CA PRO C 20 -30.58 -2.58 -5.97
C PRO C 20 -29.45 -2.44 -7.01
N LEU C 21 -28.23 -2.82 -6.61
CA LEU C 21 -27.05 -2.76 -7.46
C LEU C 21 -27.04 -3.95 -8.43
N GLY C 22 -27.50 -5.12 -7.94
CA GLY C 22 -27.58 -6.30 -8.79
C GLY C 22 -27.90 -7.57 -8.01
N GLU C 23 -28.62 -8.48 -8.68
CA GLU C 23 -29.06 -9.74 -8.14
C GLU C 23 -28.29 -10.86 -8.86
N GLY C 24 -27.46 -11.58 -8.10
CA GLY C 24 -26.91 -12.89 -8.53
C GLY C 24 -27.95 -13.99 -8.35
N CYS C 25 -27.49 -15.25 -8.31
CA CYS C 25 -28.39 -16.40 -8.19
C CYS C 25 -28.87 -16.55 -6.74
N PHE C 26 -27.97 -16.39 -5.77
CA PHE C 26 -28.27 -16.72 -4.37
C PHE C 26 -28.11 -15.50 -3.45
N GLY C 27 -28.02 -14.29 -4.03
CA GLY C 27 -27.78 -13.08 -3.24
C GLY C 27 -28.32 -11.81 -3.90
N GLN C 28 -28.49 -10.77 -3.09
CA GLN C 28 -29.04 -9.47 -3.48
C GLN C 28 -28.19 -8.38 -2.82
N VAL C 29 -27.72 -7.41 -3.64
CA VAL C 29 -26.88 -6.31 -3.17
C VAL C 29 -27.61 -5.00 -3.47
N VAL C 30 -27.75 -4.14 -2.47
CA VAL C 30 -28.40 -2.83 -2.64
C VAL C 30 -27.47 -1.74 -2.11
N MET C 31 -27.60 -0.55 -2.70
CA MET C 31 -26.92 0.66 -2.26
C MET C 31 -27.58 1.13 -0.97
N ALA C 32 -26.82 1.84 -0.13
CA ALA C 32 -27.35 2.34 1.15
C ALA C 32 -26.45 3.42 1.71
N GLU C 33 -27.06 4.40 2.39
CA GLU C 33 -26.35 5.41 3.16
C GLU C 33 -26.33 4.96 4.63
N ALA C 34 -25.14 4.99 5.25
CA ALA C 34 -24.95 4.54 6.62
C ALA C 34 -24.28 5.66 7.43
N VAL C 35 -24.93 6.05 8.53
CA VAL C 35 -24.52 7.18 9.35
C VAL C 35 -23.58 6.69 10.46
N GLY C 36 -22.34 7.22 10.44
CA GLY C 36 -21.38 7.04 11.53
C GLY C 36 -20.77 5.65 11.57
N ILE C 37 -20.78 4.93 10.43
CA ILE C 37 -20.15 3.62 10.31
C ILE C 37 -18.62 3.82 10.40
N ASP C 38 -18.15 4.96 9.90
CA ASP C 38 -16.78 5.43 10.06
C ASP C 38 -16.65 6.12 11.42
N LYS C 39 -15.98 5.44 12.36
CA LYS C 39 -15.89 5.87 13.77
C LYS C 39 -15.22 7.26 13.87
N ASP C 40 -14.30 7.55 12.95
CA ASP C 40 -13.46 8.75 12.98
C ASP C 40 -14.29 10.02 12.68
N LYS C 41 -15.42 9.86 11.97
CA LYS C 41 -16.34 10.97 11.66
C LYS C 41 -17.78 10.53 11.89
N PRO C 42 -18.25 10.45 13.16
CA PRO C 42 -19.56 9.87 13.48
C PRO C 42 -20.82 10.54 12.88
N LYS C 43 -20.71 11.82 12.53
CA LYS C 43 -21.87 12.61 12.08
C LYS C 43 -22.12 12.39 10.58
N GLU C 44 -21.07 12.13 9.80
CA GLU C 44 -21.16 12.01 8.34
C GLU C 44 -21.82 10.67 7.97
N ALA C 45 -22.49 10.67 6.81
CA ALA C 45 -23.04 9.46 6.19
C ALA C 45 -22.16 9.06 5.01
N VAL C 46 -22.07 7.75 4.75
CA VAL C 46 -21.27 7.20 3.65
C VAL C 46 -22.12 6.20 2.86
N THR C 47 -21.94 6.22 1.53
CA THR C 47 -22.58 5.27 0.63
C THR C 47 -21.88 3.92 0.74
N VAL C 48 -22.62 2.90 1.15
CA VAL C 48 -22.12 1.54 1.30
C VAL C 48 -22.93 0.60 0.39
N ALA C 49 -22.50 -0.66 0.34
CA ALA C 49 -23.26 -1.73 -0.28
C ALA C 49 -23.63 -2.75 0.79
N VAL C 50 -24.87 -3.25 0.71
CA VAL C 50 -25.46 -4.15 1.69
C VAL C 50 -25.88 -5.43 0.97
N LYS C 51 -25.25 -6.56 1.32
CA LYS C 51 -25.69 -7.86 0.81
C LYS C 51 -26.68 -8.47 1.79
N MET C 52 -27.74 -9.06 1.23
CA MET C 52 -28.83 -9.66 1.97
C MET C 52 -29.42 -10.80 1.13
N LEU C 53 -30.40 -11.49 1.69
CA LEU C 53 -31.04 -12.62 1.06
C LEU C 53 -32.13 -12.16 0.09
N LYS C 54 -32.34 -12.95 -0.97
CA LYS C 54 -33.43 -12.81 -1.91
C LYS C 54 -34.74 -13.22 -1.22
N ASP C 55 -35.87 -12.93 -1.88
CA ASP C 55 -37.17 -13.44 -1.46
C ASP C 55 -37.22 -14.95 -1.72
N ASP C 56 -36.66 -15.37 -2.86
CA ASP C 56 -36.62 -16.79 -3.25
C ASP C 56 -35.30 -17.43 -2.78
N ALA C 57 -34.83 -17.05 -1.58
CA ALA C 57 -33.63 -17.59 -0.96
C ALA C 57 -33.91 -18.96 -0.37
N THR C 58 -32.86 -19.79 -0.30
CA THR C 58 -32.94 -21.17 0.18
C THR C 58 -32.36 -21.24 1.60
N GLU C 59 -32.37 -22.45 2.17
CA GLU C 59 -31.83 -22.73 3.49
C GLU C 59 -30.30 -22.56 3.45
N LYS C 60 -29.69 -23.01 2.35
CA LYS C 60 -28.24 -23.02 2.10
C LYS C 60 -27.70 -21.60 1.98
N ASP C 61 -28.51 -20.68 1.45
CA ASP C 61 -28.09 -19.32 1.12
C ASP C 61 -27.88 -18.49 2.39
N LEU C 62 -28.58 -18.85 3.47
CA LEU C 62 -28.52 -18.13 4.75
C LEU C 62 -27.20 -18.43 5.46
N SER C 63 -26.75 -19.69 5.40
CA SER C 63 -25.49 -20.11 6.03
C SER C 63 -24.28 -19.62 5.22
N ASP C 64 -24.45 -19.56 3.88
CA ASP C 64 -23.40 -19.13 2.96
C ASP C 64 -23.12 -17.63 3.15
N LEU C 65 -24.16 -16.84 3.39
CA LEU C 65 -24.03 -15.39 3.66
C LEU C 65 -23.31 -15.18 5.00
N VAL C 66 -23.63 -16.00 6.00
CA VAL C 66 -23.02 -15.90 7.34
C VAL C 66 -21.58 -16.38 7.27
N SER C 67 -21.36 -17.50 6.57
CA SER C 67 -20.01 -18.01 6.31
C SER C 67 -19.15 -16.92 5.65
N GLU C 68 -19.67 -16.32 4.58
CA GLU C 68 -18.96 -15.29 3.83
C GLU C 68 -18.62 -14.12 4.76
N MET C 69 -19.58 -13.73 5.62
CA MET C 69 -19.39 -12.64 6.56
C MET C 69 -18.21 -12.97 7.49
N GLU C 70 -18.18 -14.22 7.99
CA GLU C 70 -17.15 -14.65 8.93
C GLU C 70 -15.78 -14.68 8.23
N MET C 71 -15.75 -15.14 6.97
CA MET C 71 -14.52 -15.14 6.16
C MET C 71 -13.96 -13.72 6.07
N MET C 72 -14.84 -12.74 5.88
CA MET C 72 -14.44 -11.35 5.64
C MET C 72 -13.82 -10.72 6.90
N LYS C 73 -14.22 -11.20 8.08
CA LYS C 73 -13.70 -10.68 9.35
C LYS C 73 -12.23 -11.08 9.55
N MET C 74 -11.92 -12.34 9.22
CA MET C 74 -10.61 -12.92 9.52
C MET C 74 -9.60 -12.61 8.39
N ILE C 75 -10.09 -12.26 7.20
CA ILE C 75 -9.22 -11.94 6.06
C ILE C 75 -8.44 -10.65 6.40
N GLY C 76 -9.13 -9.66 6.98
CA GLY C 76 -8.53 -8.39 7.34
C GLY C 76 -8.61 -7.38 6.21
N LYS C 77 -8.07 -6.19 6.44
CA LYS C 77 -8.19 -5.05 5.51
C LYS C 77 -7.07 -5.09 4.47
N HIS C 78 -7.46 -4.87 3.21
CA HIS C 78 -6.54 -4.63 2.10
C HIS C 78 -7.22 -3.71 1.09
N LYS C 79 -6.41 -2.98 0.32
CA LYS C 79 -6.89 -1.98 -0.62
C LYS C 79 -7.60 -2.63 -1.80
N ASN C 80 -7.15 -3.84 -2.17
CA ASN C 80 -7.54 -4.48 -3.41
C ASN C 80 -8.50 -5.66 -3.16
N ILE C 81 -9.23 -5.61 -2.02
CA ILE C 81 -10.37 -6.50 -1.75
C ILE C 81 -11.53 -5.66 -1.23
N ILE C 82 -12.76 -6.12 -1.46
CA ILE C 82 -13.93 -5.54 -0.83
C ILE C 82 -13.86 -5.84 0.66
N ASN C 83 -13.97 -4.79 1.49
CA ASN C 83 -13.76 -4.88 2.93
C ASN C 83 -15.11 -4.76 3.65
N LEU C 84 -15.24 -5.54 4.73
CA LEU C 84 -16.38 -5.50 5.64
C LEU C 84 -16.36 -4.19 6.43
N LEU C 85 -17.52 -3.50 6.49
CA LEU C 85 -17.68 -2.27 7.26
C LEU C 85 -18.51 -2.54 8.52
N GLY C 86 -19.50 -3.41 8.41
CA GLY C 86 -20.37 -3.76 9.53
C GLY C 86 -21.46 -4.73 9.13
N ALA C 87 -22.34 -5.02 10.08
CA ALA C 87 -23.42 -5.99 9.89
C ALA C 87 -24.61 -5.64 10.79
N CYS C 88 -25.81 -5.95 10.31
CA CYS C 88 -27.01 -6.03 11.11
C CYS C 88 -27.42 -7.52 11.21
N THR C 89 -27.18 -8.12 12.37
CA THR C 89 -27.35 -9.56 12.59
C THR C 89 -28.51 -9.85 13.55
N GLN C 90 -28.87 -8.87 14.38
CA GLN C 90 -29.77 -9.06 15.51
C GLN C 90 -31.17 -8.54 15.17
N ASP C 91 -32.19 -9.32 15.54
CA ASP C 91 -33.59 -8.88 15.64
C ASP C 91 -33.99 -8.16 14.36
N GLY C 92 -33.93 -8.91 13.24
CA GLY C 92 -34.24 -8.41 11.89
C GLY C 92 -33.60 -9.28 10.83
N PRO C 93 -33.72 -8.93 9.52
CA PRO C 93 -33.03 -9.65 8.46
C PRO C 93 -31.53 -9.30 8.42
N LEU C 94 -30.71 -10.24 7.94
CA LEU C 94 -29.25 -10.12 7.96
C LEU C 94 -28.80 -9.16 6.85
N TYR C 95 -28.20 -8.04 7.26
CA TYR C 95 -27.57 -7.09 6.37
C TYR C 95 -26.05 -7.12 6.59
N VAL C 96 -25.30 -7.54 5.57
CA VAL C 96 -23.84 -7.49 5.59
C VAL C 96 -23.40 -6.24 4.81
N ILE C 97 -22.75 -5.30 5.52
CA ILE C 97 -22.37 -3.99 4.98
C ILE C 97 -20.91 -4.05 4.53
N VAL C 98 -20.67 -3.74 3.25
CA VAL C 98 -19.34 -3.79 2.63
C VAL C 98 -19.14 -2.50 1.84
N GLU C 99 -17.87 -2.28 1.45
CA GLU C 99 -17.46 -1.11 0.66
C GLU C 99 -18.31 -1.01 -0.60
N TYR C 100 -18.55 0.23 -1.06
CA TYR C 100 -19.24 0.50 -2.30
C TYR C 100 -18.20 0.72 -3.40
N ALA C 101 -18.47 0.15 -4.58
CA ALA C 101 -17.64 0.28 -5.77
C ALA C 101 -18.50 0.83 -6.93
N SER C 102 -18.36 2.12 -7.22
CA SER C 102 -19.35 2.88 -8.00
C SER C 102 -19.30 2.54 -9.49
N LYS C 103 -18.19 1.97 -9.98
CA LYS C 103 -18.01 1.73 -11.42
C LYS C 103 -18.31 0.26 -11.79
N GLY C 104 -18.83 -0.52 -10.83
CA GLY C 104 -19.36 -1.86 -11.09
C GLY C 104 -18.26 -2.89 -11.26
N ASN C 105 -18.64 -4.04 -11.84
CA ASN C 105 -17.74 -5.16 -12.02
C ASN C 105 -16.81 -4.87 -13.20
N LEU C 106 -15.66 -5.55 -13.21
CA LEU C 106 -14.56 -5.24 -14.09
C LEU C 106 -14.90 -5.63 -15.53
N ARG C 107 -15.78 -6.61 -15.71
CA ARG C 107 -16.17 -7.07 -17.05
C ARG C 107 -16.94 -5.96 -17.78
N GLU C 108 -17.95 -5.41 -17.12
CA GLU C 108 -18.78 -4.33 -17.70
C GLU C 108 -17.94 -3.06 -17.87
N TYR C 109 -17.13 -2.77 -16.83
CA TYR C 109 -16.21 -1.65 -16.81
C TYR C 109 -15.31 -1.64 -18.05
N LEU C 110 -14.78 -2.82 -18.40
CA LEU C 110 -13.85 -2.97 -19.52
C LEU C 110 -14.60 -2.89 -20.85
N ARG C 111 -15.78 -3.54 -20.93
CA ARG C 111 -16.61 -3.51 -22.15
C ARG C 111 -17.10 -2.08 -22.44
N ALA C 112 -17.37 -1.32 -21.39
CA ALA C 112 -17.83 0.05 -21.50
C ALA C 112 -16.70 0.97 -22.00
N ARG C 113 -15.44 0.56 -21.81
CA ARG C 113 -14.30 1.39 -22.18
C ARG C 113 -13.50 0.74 -23.31
N ARG C 114 -14.17 -0.07 -24.14
CA ARG C 114 -13.57 -0.61 -25.35
C ARG C 114 -13.33 0.52 -26.36
N PRO C 115 -12.17 0.55 -27.07
CA PRO C 115 -11.95 1.56 -28.13
C PRO C 115 -13.06 1.59 -29.19
N ASN C 125 -24.18 -0.85 -24.95
CA ASN C 125 -23.65 0.06 -25.95
C ASN C 125 -23.35 1.44 -25.34
N ARG C 126 -23.25 1.50 -24.00
CA ARG C 126 -23.20 2.79 -23.24
C ARG C 126 -21.76 3.09 -22.80
N VAL C 127 -21.09 3.97 -23.54
CA VAL C 127 -19.66 4.19 -23.44
C VAL C 127 -19.43 5.46 -22.61
N PRO C 128 -18.56 5.42 -21.58
CA PRO C 128 -18.03 6.65 -20.99
C PRO C 128 -16.78 7.24 -21.69
N GLU C 129 -16.35 8.41 -21.17
CA GLU C 129 -15.35 9.27 -21.78
C GLU C 129 -13.94 8.68 -21.67
N GLU C 130 -13.72 7.70 -20.79
CA GLU C 130 -12.36 7.28 -20.33
C GLU C 130 -11.97 5.86 -20.81
N GLN C 131 -11.50 5.81 -22.06
CA GLN C 131 -11.03 4.61 -22.73
C GLN C 131 -9.80 4.05 -22.00
N MET C 132 -9.62 2.74 -22.12
CA MET C 132 -8.63 1.96 -21.38
C MET C 132 -7.29 1.95 -22.13
N THR C 133 -6.24 2.48 -21.50
CA THR C 133 -4.87 2.43 -22.07
C THR C 133 -4.20 1.11 -21.70
N PHE C 134 -3.03 0.85 -22.31
CA PHE C 134 -2.26 -0.37 -22.04
C PHE C 134 -1.74 -0.34 -20.60
N LYS C 135 -1.21 0.81 -20.18
CA LYS C 135 -0.70 1.01 -18.82
C LYS C 135 -1.84 0.79 -17.81
N ASP C 136 -3.05 1.20 -18.18
CA ASP C 136 -4.23 1.02 -17.32
C ASP C 136 -4.52 -0.46 -17.10
N LEU C 137 -4.46 -1.27 -18.16
CA LEU C 137 -4.74 -2.72 -18.10
C LEU C 137 -3.68 -3.44 -17.25
N VAL C 138 -2.40 -3.12 -17.48
CA VAL C 138 -1.31 -3.68 -16.71
C VAL C 138 -1.52 -3.34 -15.23
N SER C 139 -1.97 -2.11 -14.96
CA SER C 139 -2.20 -1.62 -13.60
C SER C 139 -3.41 -2.31 -12.95
N CYS C 140 -4.40 -2.72 -13.74
CA CYS C 140 -5.53 -3.53 -13.27
CA CYS C 140 -5.53 -3.53 -13.27
C CYS C 140 -5.00 -4.88 -12.75
N THR C 141 -4.23 -5.56 -13.60
CA THR C 141 -3.66 -6.87 -13.33
C THR C 141 -2.83 -6.83 -12.04
N TYR C 142 -1.90 -5.86 -11.96
CA TYR C 142 -0.98 -5.75 -10.83
C TYR C 142 -1.76 -5.50 -9.53
N GLN C 143 -2.78 -4.65 -9.58
CA GLN C 143 -3.64 -4.37 -8.44
C GLN C 143 -4.32 -5.65 -7.95
N LEU C 144 -4.76 -6.49 -8.90
CA LEU C 144 -5.47 -7.70 -8.57
C LEU C 144 -4.51 -8.77 -8.03
N ALA C 145 -3.28 -8.77 -8.55
CA ALA C 145 -2.22 -9.67 -8.07
C ALA C 145 -1.88 -9.35 -6.63
N ARG C 146 -1.88 -8.06 -6.27
CA ARG C 146 -1.61 -7.62 -4.90
C ARG C 146 -2.73 -8.12 -3.99
N GLY C 147 -3.97 -7.86 -4.37
CA GLY C 147 -5.14 -8.40 -3.68
C GLY C 147 -5.01 -9.90 -3.44
N MET C 148 -4.69 -10.65 -4.50
CA MET C 148 -4.62 -12.11 -4.41
C MET C 148 -3.39 -12.54 -3.61
N GLU C 149 -2.28 -11.78 -3.68
CA GLU C 149 -1.09 -12.10 -2.90
C GLU C 149 -1.42 -11.97 -1.41
N TYR C 150 -2.23 -10.96 -1.06
CA TYR C 150 -2.65 -10.73 0.30
C TYR C 150 -3.48 -11.92 0.78
N LEU C 151 -4.54 -12.26 0.03
CA LEU C 151 -5.41 -13.40 0.35
C LEU C 151 -4.58 -14.66 0.60
N ALA C 152 -3.55 -14.88 -0.23
CA ALA C 152 -2.71 -16.08 -0.14
C ALA C 152 -1.82 -16.02 1.11
N SER C 153 -1.41 -14.81 1.51
CA SER C 153 -0.62 -14.61 2.72
C SER C 153 -1.46 -14.87 3.97
N GLN C 154 -2.79 -14.75 3.84
CA GLN C 154 -3.75 -15.07 4.91
C GLN C 154 -4.18 -16.55 4.81
N LYS C 155 -3.46 -17.33 4.01
CA LYS C 155 -3.65 -18.78 3.84
C LYS C 155 -5.12 -19.04 3.45
N CYS C 156 -5.65 -18.17 2.59
CA CYS C 156 -7.03 -18.24 2.12
CA CYS C 156 -7.03 -18.24 2.12
C CYS C 156 -7.06 -18.43 0.60
N ILE C 157 -7.98 -19.28 0.13
CA ILE C 157 -8.21 -19.52 -1.29
C ILE C 157 -9.58 -18.94 -1.66
N HIS C 158 -9.69 -18.43 -2.89
CA HIS C 158 -10.86 -17.71 -3.36
C HIS C 158 -11.81 -18.67 -4.08
N ARG C 159 -11.28 -19.34 -5.12
CA ARG C 159 -11.94 -20.43 -5.84
C ARG C 159 -13.00 -19.93 -6.86
N ASP C 160 -13.10 -18.60 -7.04
CA ASP C 160 -14.11 -18.03 -7.95
C ASP C 160 -13.60 -16.71 -8.52
N LEU C 161 -12.32 -16.70 -8.91
CA LEU C 161 -11.64 -15.49 -9.37
C LEU C 161 -12.00 -15.23 -10.84
N THR C 162 -12.95 -14.32 -11.06
CA THR C 162 -13.47 -13.98 -12.39
C THR C 162 -13.65 -12.46 -12.45
N ALA C 163 -13.67 -11.92 -13.66
CA ALA C 163 -13.78 -10.46 -13.88
C ALA C 163 -15.10 -9.94 -13.29
N ARG C 164 -16.18 -10.75 -13.37
CA ARG C 164 -17.48 -10.31 -12.86
C ARG C 164 -17.48 -10.31 -11.32
N ASN C 165 -16.46 -10.91 -10.68
CA ASN C 165 -16.34 -10.91 -9.21
C ASN C 165 -15.22 -9.96 -8.76
N VAL C 166 -14.78 -9.08 -9.67
CA VAL C 166 -13.90 -7.97 -9.35
C VAL C 166 -14.71 -6.69 -9.53
N LEU C 167 -14.69 -5.82 -8.51
CA LEU C 167 -15.40 -4.55 -8.52
C LEU C 167 -14.41 -3.39 -8.65
N VAL C 168 -14.91 -2.24 -9.12
CA VAL C 168 -14.11 -1.06 -9.39
C VAL C 168 -14.73 0.12 -8.63
N THR C 169 -13.93 0.80 -7.79
CA THR C 169 -14.40 1.96 -7.03
C THR C 169 -14.37 3.20 -7.92
N GLU C 170 -14.82 4.33 -7.33
CA GLU C 170 -14.86 5.63 -7.99
C GLU C 170 -13.45 6.04 -8.45
N ASN C 171 -12.42 5.70 -7.65
CA ASN C 171 -11.02 6.06 -7.96
C ASN C 171 -10.32 4.93 -8.73
N ASN C 172 -11.09 4.10 -9.42
CA ASN C 172 -10.58 3.03 -10.30
C ASN C 172 -9.57 2.14 -9.55
N VAL C 173 -9.92 1.78 -8.32
CA VAL C 173 -9.19 0.79 -7.55
C VAL C 173 -9.86 -0.56 -7.81
N MET C 174 -9.07 -1.58 -8.19
CA MET C 174 -9.62 -2.90 -8.44
C MET C 174 -9.80 -3.60 -7.08
N LYS C 175 -10.99 -4.15 -6.82
CA LYS C 175 -11.31 -4.82 -5.57
C LYS C 175 -11.87 -6.21 -5.87
N ILE C 176 -11.21 -7.24 -5.33
CA ILE C 176 -11.64 -8.64 -5.45
C ILE C 176 -12.82 -8.84 -4.50
N ALA C 177 -13.86 -9.54 -4.97
CA ALA C 177 -15.13 -9.66 -4.25
C ALA C 177 -15.61 -11.12 -4.30
N ASP C 178 -16.82 -11.35 -3.76
CA ASP C 178 -17.47 -12.68 -3.55
C ASP C 178 -16.51 -13.68 -2.89
N PHE C 179 -16.58 -13.77 -1.55
CA PHE C 179 -15.85 -14.75 -0.78
C PHE C 179 -16.77 -15.91 -0.40
N GLY C 180 -17.80 -16.17 -1.21
CA GLY C 180 -18.76 -17.23 -0.98
C GLY C 180 -18.10 -18.59 -0.86
N LEU C 181 -17.29 -18.93 -1.86
CA LEU C 181 -16.65 -20.24 -1.99
C LEU C 181 -15.27 -20.24 -1.32
N ALA C 182 -14.85 -19.09 -0.78
CA ALA C 182 -13.54 -18.92 -0.18
C ALA C 182 -13.41 -19.82 1.06
N ARG C 183 -12.20 -20.36 1.26
CA ARG C 183 -11.92 -21.31 2.34
C ARG C 183 -10.55 -20.99 2.93
N ASP C 184 -10.37 -21.35 4.21
CA ASP C 184 -9.09 -21.24 4.90
C ASP C 184 -8.42 -22.62 4.91
N ILE C 185 -7.14 -22.65 4.55
CA ILE C 185 -6.35 -23.87 4.45
C ILE C 185 -4.97 -23.63 5.07
N PTR C 191 -6.99 -28.02 0.18
CA PTR C 191 -8.41 -28.20 0.41
C PTR C 191 -8.87 -29.44 -0.36
O PTR C 191 -8.58 -29.60 -1.54
CB PTR C 191 -9.16 -27.00 -0.15
CG PTR C 191 -10.63 -27.04 0.18
CD1 PTR C 191 -11.04 -26.61 1.42
CD2 PTR C 191 -11.56 -27.49 -0.76
CE1 PTR C 191 -12.39 -26.63 1.74
CE2 PTR C 191 -12.91 -27.50 -0.44
CZ PTR C 191 -13.32 -27.08 0.82
OH PTR C 191 -14.63 -27.07 1.23
P PTR C 191 -15.89 -27.77 0.56
O1P PTR C 191 -16.79 -27.81 1.76
O2P PTR C 191 -16.30 -26.76 -0.49
O3P PTR C 191 -15.43 -29.11 0.01
N LYS C 192 -9.61 -30.32 0.35
CA LYS C 192 -10.21 -31.50 -0.25
C LYS C 192 -11.65 -31.16 -0.63
N LYS C 193 -11.96 -31.24 -1.94
CA LYS C 193 -13.24 -30.79 -2.48
C LYS C 193 -14.36 -31.76 -2.13
N THR C 194 -15.61 -31.30 -2.35
CA THR C 194 -16.83 -32.11 -2.41
C THR C 194 -16.92 -32.82 -3.77
N THR C 195 -17.92 -33.71 -3.91
CA THR C 195 -18.27 -34.32 -5.20
C THR C 195 -18.97 -33.29 -6.10
N ASN C 196 -18.16 -32.62 -6.93
CA ASN C 196 -18.59 -31.64 -7.93
C ASN C 196 -19.06 -30.37 -7.20
N GLY C 197 -18.09 -29.62 -6.67
CA GLY C 197 -18.31 -28.30 -6.08
C GLY C 197 -18.59 -27.25 -7.13
N ARG C 198 -19.21 -26.14 -6.71
CA ARG C 198 -19.85 -25.15 -7.60
C ARG C 198 -18.88 -24.08 -8.12
N LEU C 199 -17.92 -24.49 -8.96
CA LEU C 199 -16.87 -23.57 -9.46
C LEU C 199 -16.93 -23.49 -10.97
N PRO C 200 -16.77 -22.29 -11.59
CA PRO C 200 -16.93 -22.12 -13.04
C PRO C 200 -15.78 -22.73 -13.87
N VAL C 201 -16.13 -23.52 -14.88
CA VAL C 201 -15.23 -24.55 -15.45
C VAL C 201 -14.10 -23.92 -16.26
N LYS C 202 -14.38 -22.82 -16.97
CA LYS C 202 -13.38 -22.20 -17.88
C LYS C 202 -12.32 -21.42 -17.08
N TRP C 203 -12.57 -21.19 -15.79
CA TRP C 203 -11.61 -20.52 -14.90
C TRP C 203 -10.92 -21.52 -13.97
N MET C 204 -11.31 -22.81 -14.06
CA MET C 204 -10.88 -23.81 -13.10
C MET C 204 -9.59 -24.47 -13.57
N ALA C 205 -8.68 -24.70 -12.63
CA ALA C 205 -7.43 -25.39 -12.85
C ALA C 205 -7.71 -26.88 -12.98
N PRO C 206 -6.89 -27.63 -13.75
CA PRO C 206 -7.13 -29.06 -13.95
C PRO C 206 -7.26 -29.89 -12.66
N GLU C 207 -6.51 -29.52 -11.61
CA GLU C 207 -6.53 -30.26 -10.33
C GLU C 207 -7.91 -30.11 -9.68
N ALA C 208 -8.41 -28.88 -9.64
CA ALA C 208 -9.71 -28.58 -9.07
C ALA C 208 -10.79 -29.34 -9.83
N LEU C 209 -10.59 -29.49 -11.14
CA LEU C 209 -11.56 -30.09 -12.05
C LEU C 209 -11.56 -31.62 -11.90
N PHE C 210 -10.38 -32.23 -11.86
CA PHE C 210 -10.23 -33.69 -11.98
C PHE C 210 -9.90 -34.33 -10.62
N ASP C 211 -9.02 -33.71 -9.83
CA ASP C 211 -8.37 -34.34 -8.67
C ASP C 211 -8.99 -33.91 -7.33
N ARG C 212 -10.03 -33.06 -7.38
CA ARG C 212 -10.72 -32.62 -6.16
C ARG C 212 -9.69 -32.05 -5.15
N VAL C 213 -8.77 -31.20 -5.63
CA VAL C 213 -7.88 -30.45 -4.74
C VAL C 213 -7.85 -28.99 -5.18
N TYR C 214 -7.56 -28.10 -4.21
CA TYR C 214 -7.41 -26.69 -4.46
C TYR C 214 -6.32 -26.13 -3.54
N THR C 215 -5.32 -25.53 -4.17
CA THR C 215 -4.26 -24.80 -3.48
C THR C 215 -4.27 -23.36 -4.01
N HIS C 216 -3.36 -22.54 -3.48
CA HIS C 216 -3.17 -21.16 -3.97
C HIS C 216 -2.77 -21.20 -5.46
N GLN C 217 -2.11 -22.29 -5.88
CA GLN C 217 -1.66 -22.46 -7.25
C GLN C 217 -2.84 -22.69 -8.21
N SER C 218 -4.00 -23.07 -7.67
CA SER C 218 -5.24 -23.18 -8.42
C SER C 218 -5.84 -21.79 -8.70
N ASP C 219 -5.66 -20.88 -7.74
CA ASP C 219 -6.06 -19.48 -7.89
C ASP C 219 -5.17 -18.80 -8.95
N VAL C 220 -3.89 -19.18 -9.01
CA VAL C 220 -2.95 -18.62 -9.99
C VAL C 220 -3.46 -18.93 -11.39
N TRP C 221 -3.94 -20.16 -11.62
CA TRP C 221 -4.48 -20.54 -12.90
C TRP C 221 -5.66 -19.62 -13.25
N SER C 222 -6.58 -19.48 -12.28
CA SER C 222 -7.75 -18.62 -12.45
C SER C 222 -7.31 -17.19 -12.77
N PHE C 223 -6.25 -16.71 -12.10
CA PHE C 223 -5.67 -15.39 -12.35
C PHE C 223 -5.17 -15.32 -13.81
N GLY C 224 -4.63 -16.43 -14.30
CA GLY C 224 -4.22 -16.56 -15.69
C GLY C 224 -5.34 -16.19 -16.65
N VAL C 225 -6.54 -16.70 -16.36
CA VAL C 225 -7.72 -16.50 -17.20
C VAL C 225 -8.21 -15.06 -17.05
N LEU C 226 -8.20 -14.54 -15.81
CA LEU C 226 -8.59 -13.16 -15.51
C LEU C 226 -7.74 -12.17 -16.32
N MET C 227 -6.42 -12.43 -16.40
CA MET C 227 -5.50 -11.62 -17.23
C MET C 227 -6.01 -11.59 -18.68
N TRP C 228 -6.30 -12.77 -19.23
CA TRP C 228 -6.81 -12.89 -20.59
C TRP C 228 -8.10 -12.06 -20.74
N GLU C 229 -9.03 -12.27 -19.81
CA GLU C 229 -10.25 -11.47 -19.73
C GLU C 229 -9.91 -9.98 -19.81
N ILE C 230 -8.95 -9.53 -19.00
CA ILE C 230 -8.63 -8.11 -18.90
C ILE C 230 -8.08 -7.58 -20.24
N PHE C 231 -7.14 -8.31 -20.87
CA PHE C 231 -6.48 -7.82 -22.08
C PHE C 231 -7.32 -8.08 -23.34
N THR C 232 -8.48 -8.72 -23.18
CA THR C 232 -9.49 -8.74 -24.24
C THR C 232 -10.63 -7.77 -23.88
N LEU C 233 -10.37 -6.88 -22.92
CA LEU C 233 -11.33 -5.86 -22.48
C LEU C 233 -12.71 -6.50 -22.24
N GLY C 234 -12.72 -7.59 -21.47
CA GLY C 234 -13.94 -8.27 -21.03
C GLY C 234 -14.38 -9.40 -21.96
N GLY C 235 -13.44 -9.95 -22.76
CA GLY C 235 -13.72 -11.13 -23.56
C GLY C 235 -14.08 -12.31 -22.67
N SER C 236 -14.73 -13.33 -23.25
CA SER C 236 -15.03 -14.56 -22.50
C SER C 236 -14.13 -15.71 -22.96
N PRO C 237 -13.53 -16.44 -22.00
CA PRO C 237 -12.48 -17.40 -22.29
C PRO C 237 -12.89 -18.55 -23.22
N TYR C 238 -11.88 -19.23 -23.77
CA TYR C 238 -12.00 -20.30 -24.76
C TYR C 238 -13.18 -20.01 -25.68
N PRO C 239 -13.13 -18.89 -26.44
CA PRO C 239 -14.26 -18.50 -27.29
C PRO C 239 -14.58 -19.57 -28.35
N GLY C 240 -15.86 -19.94 -28.43
CA GLY C 240 -16.37 -20.93 -29.39
C GLY C 240 -16.35 -22.34 -28.84
N ILE C 241 -15.54 -22.59 -27.80
CA ILE C 241 -15.30 -23.92 -27.29
C ILE C 241 -16.26 -24.19 -26.13
N PRO C 242 -17.13 -25.21 -26.24
CA PRO C 242 -18.09 -25.52 -25.18
C PRO C 242 -17.44 -26.29 -24.03
N VAL C 243 -18.07 -26.23 -22.85
CA VAL C 243 -17.54 -26.80 -21.62
C VAL C 243 -17.27 -28.30 -21.80
N GLU C 244 -18.20 -29.01 -22.45
CA GLU C 244 -18.07 -30.45 -22.70
C GLU C 244 -16.74 -30.74 -23.41
N GLU C 245 -16.41 -29.90 -24.39
CA GLU C 245 -15.31 -30.11 -25.32
C GLU C 245 -14.01 -29.48 -24.79
N LEU C 246 -14.04 -28.90 -23.57
CA LEU C 246 -12.89 -28.21 -22.97
C LEU C 246 -12.02 -29.21 -22.21
N PHE C 247 -12.68 -30.12 -21.48
CA PHE C 247 -11.98 -31.09 -20.63
C PHE C 247 -10.90 -31.81 -21.46
N LYS C 248 -11.28 -32.33 -22.62
CA LYS C 248 -10.40 -33.10 -23.51
C LYS C 248 -9.25 -32.22 -24.02
N LEU C 249 -9.55 -30.96 -24.36
CA LEU C 249 -8.58 -30.03 -24.97
C LEU C 249 -7.46 -29.67 -23.98
N LEU C 250 -7.82 -29.45 -22.71
CA LEU C 250 -6.85 -29.11 -21.66
C LEU C 250 -5.90 -30.29 -21.42
N LYS C 251 -6.43 -31.52 -21.47
CA LYS C 251 -5.65 -32.75 -21.31
C LYS C 251 -4.69 -32.94 -22.49
N GLU C 252 -5.04 -32.40 -23.66
CA GLU C 252 -4.18 -32.45 -24.86
C GLU C 252 -3.17 -31.30 -24.87
N GLY C 253 -3.34 -30.33 -23.96
CA GLY C 253 -2.39 -29.23 -23.76
C GLY C 253 -2.77 -27.95 -24.49
N HIS C 254 -4.00 -27.90 -25.01
CA HIS C 254 -4.54 -26.71 -25.68
C HIS C 254 -4.70 -25.60 -24.64
N ARG C 255 -4.32 -24.39 -25.03
CA ARG C 255 -4.44 -23.18 -24.23
C ARG C 255 -4.96 -22.05 -25.13
N MET C 256 -5.36 -20.94 -24.52
CA MET C 256 -5.90 -19.79 -25.26
C MET C 256 -4.76 -19.04 -25.98
N ASP C 257 -5.09 -18.46 -27.13
CA ASP C 257 -4.18 -17.65 -27.90
C ASP C 257 -3.92 -16.33 -27.17
N LYS C 258 -2.92 -15.59 -27.64
CA LYS C 258 -2.58 -14.28 -27.16
C LYS C 258 -3.68 -13.30 -27.57
N PRO C 259 -4.21 -12.49 -26.61
CA PRO C 259 -5.03 -11.33 -26.96
C PRO C 259 -4.20 -10.34 -27.81
N ALA C 260 -4.85 -9.65 -28.74
CA ALA C 260 -4.19 -8.73 -29.65
C ALA C 260 -3.59 -7.56 -28.87
N ASN C 261 -4.31 -7.08 -27.85
CA ASN C 261 -3.96 -5.92 -27.05
C ASN C 261 -3.07 -6.35 -25.87
N CYS C 262 -2.01 -7.11 -26.17
CA CYS C 262 -1.23 -7.84 -25.15
C CYS C 262 0.15 -8.19 -25.72
N THR C 263 1.20 -7.88 -24.95
CA THR C 263 2.58 -8.12 -25.37
C THR C 263 2.88 -9.63 -25.29
N ASN C 264 4.02 -10.01 -25.87
CA ASN C 264 4.51 -11.40 -25.89
C ASN C 264 4.87 -11.81 -24.45
N GLU C 265 5.36 -10.84 -23.68
CA GLU C 265 5.82 -11.04 -22.32
C GLU C 265 4.63 -11.41 -21.41
N LEU C 266 3.58 -10.59 -21.45
CA LEU C 266 2.39 -10.81 -20.60
C LEU C 266 1.72 -12.14 -20.96
N TYR C 267 1.69 -12.48 -22.26
CA TYR C 267 1.11 -13.75 -22.70
C TYR C 267 1.88 -14.91 -22.08
N MET C 268 3.21 -14.81 -22.06
CA MET C 268 4.06 -15.85 -21.48
C MET C 268 3.75 -16.00 -19.98
N MET C 269 3.40 -14.88 -19.32
CA MET C 269 3.01 -14.89 -17.91
C MET C 269 1.69 -15.65 -17.71
N MET C 270 0.72 -15.44 -18.62
CA MET C 270 -0.55 -16.19 -18.61
C MET C 270 -0.28 -17.68 -18.77
N ARG C 271 0.65 -18.02 -19.69
CA ARG C 271 0.91 -19.42 -20.02
C ARG C 271 1.70 -20.09 -18.89
N ASP C 272 2.54 -19.32 -18.19
CA ASP C 272 3.18 -19.77 -16.96
C ASP C 272 2.09 -20.12 -15.93
N CYS C 273 1.09 -19.24 -15.82
CA CYS C 273 -0.08 -19.46 -14.94
C CYS C 273 -0.83 -20.75 -15.32
N TRP C 274 -0.84 -21.10 -16.62
CA TRP C 274 -1.62 -22.25 -17.10
C TRP C 274 -0.74 -23.50 -17.32
N HIS C 275 0.32 -23.65 -16.52
CA HIS C 275 1.03 -24.94 -16.42
C HIS C 275 0.08 -25.97 -15.79
N ALA C 276 0.22 -27.23 -16.19
CA ALA C 276 -0.65 -28.32 -15.71
C ALA C 276 -0.22 -28.82 -14.32
N VAL C 277 1.03 -28.52 -13.94
CA VAL C 277 1.63 -28.95 -12.69
C VAL C 277 1.75 -27.73 -11.77
N PRO C 278 0.79 -27.56 -10.83
CA PRO C 278 0.67 -26.34 -10.03
C PRO C 278 1.94 -25.70 -9.43
N SER C 279 2.97 -26.51 -9.19
CA SER C 279 4.23 -26.03 -8.61
C SER C 279 5.07 -25.28 -9.66
N GLN C 280 4.86 -25.60 -10.95
CA GLN C 280 5.62 -24.99 -12.06
C GLN C 280 5.01 -23.64 -12.46
N ARG C 281 3.81 -23.36 -11.95
CA ARG C 281 3.17 -22.05 -12.06
C ARG C 281 3.87 -21.07 -11.12
N PRO C 282 3.86 -19.76 -11.42
CA PRO C 282 4.38 -18.77 -10.46
C PRO C 282 3.46 -18.71 -9.23
N THR C 283 4.00 -18.20 -8.12
CA THR C 283 3.22 -17.83 -6.94
C THR C 283 2.74 -16.39 -7.13
N PHE C 284 1.76 -15.97 -6.32
CA PHE C 284 1.24 -14.61 -6.41
C PHE C 284 2.36 -13.62 -6.08
N LYS C 285 3.25 -14.00 -5.15
CA LYS C 285 4.42 -13.22 -4.81
C LYS C 285 5.27 -12.98 -6.07
N GLN C 286 5.45 -14.03 -6.87
CA GLN C 286 6.25 -13.99 -8.09
C GLN C 286 5.57 -13.11 -9.17
N LEU C 287 4.23 -13.13 -9.23
CA LEU C 287 3.45 -12.34 -10.20
C LEU C 287 3.51 -10.85 -9.86
N VAL C 288 3.51 -10.53 -8.55
CA VAL C 288 3.52 -9.16 -8.08
C VAL C 288 4.89 -8.54 -8.42
N GLU C 289 5.97 -9.31 -8.19
CA GLU C 289 7.33 -8.94 -8.61
C GLU C 289 7.34 -8.58 -10.10
N ASP C 290 6.91 -9.54 -10.92
CA ASP C 290 7.03 -9.45 -12.38
C ASP C 290 6.14 -8.35 -12.95
N LEU C 291 4.94 -8.14 -12.39
CA LEU C 291 3.97 -7.17 -12.92
C LEU C 291 4.39 -5.73 -12.57
N ASP C 292 4.94 -5.51 -11.37
CA ASP C 292 5.44 -4.19 -10.96
C ASP C 292 6.58 -3.76 -11.89
N ARG C 293 7.47 -4.72 -12.18
CA ARG C 293 8.58 -4.53 -13.10
C ARG C 293 8.06 -4.03 -14.45
N ILE C 294 7.03 -4.71 -14.98
CA ILE C 294 6.45 -4.38 -16.30
C ILE C 294 5.68 -3.06 -16.21
N LEU C 295 5.01 -2.81 -15.10
CA LEU C 295 4.20 -1.60 -14.93
C LEU C 295 5.12 -0.36 -14.95
N THR C 296 6.33 -0.51 -14.38
CA THR C 296 7.31 0.57 -14.31
C THR C 296 7.83 0.91 -15.72
N LEU C 297 8.09 -0.12 -16.52
CA LEU C 297 8.69 0.03 -17.85
C LEU C 297 7.68 0.59 -18.87
N THR C 298 6.38 0.50 -18.56
CA THR C 298 5.32 0.98 -19.46
C THR C 298 5.22 2.50 -19.37
N GLU D 1 -17.71 -39.17 -23.64
CA GLU D 1 -18.16 -39.07 -22.23
C GLU D 1 -19.57 -39.67 -22.07
N LEU D 2 -20.48 -39.34 -22.99
CA LEU D 2 -21.93 -39.45 -22.74
C LEU D 2 -22.48 -40.69 -23.44
N PRO D 3 -23.20 -41.58 -22.71
CA PRO D 3 -23.61 -42.88 -23.27
C PRO D 3 -24.70 -42.75 -24.35
N GLU D 4 -24.85 -43.80 -25.16
CA GLU D 4 -25.84 -43.82 -26.23
C GLU D 4 -27.21 -44.21 -25.66
N ASP D 5 -28.27 -43.62 -26.22
CA ASP D 5 -29.65 -44.01 -25.99
C ASP D 5 -30.43 -43.81 -27.28
N PRO D 6 -30.42 -44.80 -28.20
CA PRO D 6 -31.05 -44.65 -29.53
C PRO D 6 -32.54 -44.26 -29.53
N LYS D 7 -33.26 -44.63 -28.47
CA LYS D 7 -34.70 -44.35 -28.34
C LYS D 7 -34.95 -42.85 -28.42
N TRP D 8 -34.11 -42.05 -27.73
CA TRP D 8 -34.32 -40.61 -27.53
C TRP D 8 -33.44 -39.78 -28.48
N GLU D 9 -32.32 -40.33 -28.94
CA GLU D 9 -31.30 -39.57 -29.72
C GLU D 9 -31.95 -38.93 -30.96
N PHE D 10 -31.59 -37.66 -31.20
CA PHE D 10 -32.06 -36.91 -32.36
C PHE D 10 -30.85 -36.40 -33.14
N PRO D 11 -30.85 -36.51 -34.50
CA PRO D 11 -29.72 -36.04 -35.30
C PRO D 11 -29.59 -34.50 -35.27
N ARG D 12 -28.35 -34.03 -35.13
CA ARG D 12 -28.03 -32.61 -34.96
C ARG D 12 -28.33 -31.80 -36.22
N ASP D 13 -28.19 -32.41 -37.40
CA ASP D 13 -28.30 -31.67 -38.67
C ASP D 13 -29.75 -31.20 -38.91
N LYS D 14 -30.73 -31.86 -38.27
CA LYS D 14 -32.16 -31.54 -38.43
C LYS D 14 -32.59 -30.44 -37.45
N LEU D 15 -31.90 -30.33 -36.30
CA LEU D 15 -32.15 -29.29 -35.30
C LEU D 15 -31.59 -27.95 -35.82
N THR D 16 -32.37 -26.87 -35.61
CA THR D 16 -32.00 -25.51 -36.01
C THR D 16 -32.23 -24.56 -34.83
N LEU D 17 -31.16 -24.03 -34.25
CA LEU D 17 -31.22 -23.19 -33.05
C LEU D 17 -31.82 -21.83 -33.39
N GLY D 18 -32.32 -21.14 -32.36
CA GLY D 18 -32.93 -19.81 -32.46
C GLY D 18 -32.67 -18.98 -31.21
N LYS D 19 -33.55 -18.02 -30.94
CA LYS D 19 -33.35 -17.01 -29.90
C LYS D 19 -33.29 -17.69 -28.53
N PRO D 20 -32.46 -17.19 -27.59
CA PRO D 20 -32.50 -17.63 -26.20
C PRO D 20 -33.80 -17.21 -25.49
N LEU D 21 -34.49 -18.19 -24.90
CA LEU D 21 -35.75 -17.99 -24.20
C LEU D 21 -35.48 -17.42 -22.81
N GLY D 22 -34.40 -17.89 -22.16
CA GLY D 22 -33.97 -17.35 -20.88
C GLY D 22 -32.80 -18.10 -20.28
N GLU D 23 -32.01 -17.38 -19.48
CA GLU D 23 -30.86 -17.92 -18.76
C GLU D 23 -31.19 -17.91 -17.26
N GLY D 24 -31.33 -19.11 -16.69
CA GLY D 24 -31.35 -19.30 -15.25
C GLY D 24 -29.94 -19.20 -14.67
N CYS D 25 -29.81 -19.62 -13.41
CA CYS D 25 -28.49 -19.74 -12.76
C CYS D 25 -27.73 -20.95 -13.30
N PHE D 26 -28.44 -22.07 -13.53
CA PHE D 26 -27.85 -23.39 -13.74
C PHE D 26 -28.11 -23.91 -15.18
N GLY D 27 -28.58 -23.07 -16.11
CA GLY D 27 -28.77 -23.52 -17.48
C GLY D 27 -29.15 -22.42 -18.45
N GLN D 28 -29.26 -22.82 -19.73
CA GLN D 28 -29.59 -21.96 -20.86
C GLN D 28 -30.62 -22.68 -21.74
N VAL D 29 -31.72 -21.98 -22.05
CA VAL D 29 -32.82 -22.51 -22.86
C VAL D 29 -32.97 -21.64 -24.11
N VAL D 30 -32.98 -22.27 -25.30
CA VAL D 30 -33.12 -21.55 -26.56
C VAL D 30 -34.26 -22.19 -27.38
N MET D 31 -34.93 -21.36 -28.19
CA MET D 31 -35.95 -21.79 -29.13
C MET D 31 -35.25 -22.53 -30.28
N ALA D 32 -35.97 -23.44 -30.94
CA ALA D 32 -35.43 -24.18 -32.07
C ALA D 32 -36.55 -24.84 -32.89
N GLU D 33 -36.33 -24.95 -34.20
CA GLU D 33 -37.15 -25.78 -35.09
C GLU D 33 -36.47 -27.14 -35.24
N ALA D 34 -37.26 -28.21 -35.08
CA ALA D 34 -36.75 -29.58 -35.19
C ALA D 34 -37.59 -30.36 -36.22
N VAL D 35 -36.94 -30.90 -37.25
CA VAL D 35 -37.59 -31.55 -38.38
C VAL D 35 -37.74 -33.04 -38.08
N GLY D 36 -39.00 -33.51 -38.04
CA GLY D 36 -39.33 -34.93 -37.94
C GLY D 36 -39.08 -35.51 -36.56
N ILE D 37 -39.06 -34.67 -35.53
CA ILE D 37 -38.90 -35.13 -34.13
C ILE D 37 -40.17 -35.91 -33.73
N ASP D 38 -41.31 -35.47 -34.27
CA ASP D 38 -42.59 -36.15 -34.17
C ASP D 38 -42.65 -37.21 -35.28
N LYS D 39 -42.55 -38.49 -34.88
CA LYS D 39 -42.52 -39.65 -35.80
C LYS D 39 -43.78 -39.68 -36.70
N ASP D 40 -44.91 -39.18 -36.20
CA ASP D 40 -46.21 -39.25 -36.89
C ASP D 40 -46.26 -38.32 -38.10
N LYS D 41 -45.40 -37.28 -38.12
CA LYS D 41 -45.30 -36.35 -39.27
C LYS D 41 -43.82 -36.08 -39.58
N PRO D 42 -43.10 -37.04 -40.21
CA PRO D 42 -41.64 -36.96 -40.35
C PRO D 42 -41.06 -35.79 -41.17
N LYS D 43 -41.86 -35.23 -42.08
CA LYS D 43 -41.35 -34.17 -42.99
C LYS D 43 -41.47 -32.80 -42.32
N GLU D 44 -42.50 -32.63 -41.48
CA GLU D 44 -42.87 -31.33 -40.92
C GLU D 44 -41.91 -30.98 -39.77
N ALA D 45 -41.76 -29.68 -39.54
CA ALA D 45 -40.93 -29.12 -38.47
C ALA D 45 -41.81 -28.60 -37.32
N VAL D 46 -41.29 -28.68 -36.10
CA VAL D 46 -42.01 -28.23 -34.90
C VAL D 46 -41.08 -27.36 -34.06
N THR D 47 -41.66 -26.31 -33.47
CA THR D 47 -40.96 -25.39 -32.58
C THR D 47 -40.77 -26.06 -31.21
N VAL D 48 -39.51 -26.26 -30.81
CA VAL D 48 -39.18 -26.90 -29.54
C VAL D 48 -38.32 -25.94 -28.70
N ALA D 49 -38.06 -26.35 -27.46
CA ALA D 49 -37.11 -25.70 -26.59
C ALA D 49 -35.96 -26.66 -26.31
N VAL D 50 -34.74 -26.13 -26.29
CA VAL D 50 -33.52 -26.89 -26.14
C VAL D 50 -32.77 -26.36 -24.91
N LYS D 51 -32.63 -27.20 -23.87
CA LYS D 51 -31.80 -26.84 -22.73
C LYS D 51 -30.38 -27.37 -22.96
N MET D 52 -29.40 -26.52 -22.64
CA MET D 52 -28.00 -26.77 -22.86
C MET D 52 -27.20 -26.01 -21.79
N LEU D 53 -25.87 -26.17 -21.82
CA LEU D 53 -25.01 -25.58 -20.82
C LEU D 53 -24.67 -24.14 -21.22
N LYS D 54 -24.46 -23.29 -20.22
CA LYS D 54 -23.96 -21.93 -20.40
C LYS D 54 -22.49 -22.00 -20.82
N ASP D 55 -21.94 -20.86 -21.28
CA ASP D 55 -20.50 -20.75 -21.50
C ASP D 55 -19.79 -20.74 -20.15
N ASP D 56 -20.39 -20.05 -19.17
CA ASP D 56 -19.89 -19.96 -17.81
C ASP D 56 -20.57 -21.04 -16.94
N ALA D 57 -20.64 -22.26 -17.46
CA ALA D 57 -21.26 -23.41 -16.77
C ALA D 57 -20.27 -23.97 -15.74
N THR D 58 -20.81 -24.67 -14.74
CA THR D 58 -20.00 -25.25 -13.66
C THR D 58 -19.79 -26.75 -13.90
N GLU D 59 -19.03 -27.38 -13.01
CA GLU D 59 -18.72 -28.80 -13.05
C GLU D 59 -20.02 -29.60 -12.81
N LYS D 60 -20.83 -29.09 -11.87
CA LYS D 60 -22.06 -29.74 -11.40
C LYS D 60 -23.16 -29.72 -12.48
N ASP D 61 -23.13 -28.70 -13.35
CA ASP D 61 -24.21 -28.40 -14.29
C ASP D 61 -24.35 -29.48 -15.38
N LEU D 62 -23.26 -30.17 -15.72
CA LEU D 62 -23.29 -31.18 -16.81
C LEU D 62 -24.02 -32.45 -16.34
N SER D 63 -23.78 -32.85 -15.08
CA SER D 63 -24.40 -34.04 -14.50
C SER D 63 -25.87 -33.76 -14.14
N ASP D 64 -26.16 -32.51 -13.75
CA ASP D 64 -27.51 -32.08 -13.35
C ASP D 64 -28.44 -32.08 -14.57
N LEU D 65 -27.92 -31.67 -15.73
CA LEU D 65 -28.68 -31.67 -16.98
C LEU D 65 -28.98 -33.11 -17.41
N VAL D 66 -28.01 -34.01 -17.24
CA VAL D 66 -28.15 -35.42 -17.61
C VAL D 66 -29.10 -36.12 -16.63
N SER D 67 -28.92 -35.83 -15.33
CA SER D 67 -29.82 -36.32 -14.28
C SER D 67 -31.26 -35.92 -14.61
N GLU D 68 -31.46 -34.62 -14.89
CA GLU D 68 -32.79 -34.08 -15.16
C GLU D 68 -33.39 -34.78 -16.39
N MET D 69 -32.57 -34.99 -17.42
CA MET D 69 -32.99 -35.68 -18.64
C MET D 69 -33.48 -37.09 -18.28
N GLU D 70 -32.74 -37.79 -17.43
CA GLU D 70 -33.06 -39.17 -17.05
C GLU D 70 -34.36 -39.18 -16.24
N MET D 71 -34.55 -38.20 -15.34
CA MET D 71 -35.79 -38.06 -14.57
C MET D 71 -36.99 -37.94 -15.52
N MET D 72 -36.81 -37.18 -16.61
CA MET D 72 -37.90 -36.87 -17.54
C MET D 72 -38.31 -38.11 -18.35
N LYS D 73 -37.38 -39.05 -18.55
CA LYS D 73 -37.67 -40.29 -19.30
C LYS D 73 -38.59 -41.21 -18.49
N MET D 74 -38.35 -41.33 -17.18
CA MET D 74 -39.04 -42.29 -16.33
C MET D 74 -40.36 -41.71 -15.80
N ILE D 75 -40.51 -40.38 -15.82
CA ILE D 75 -41.74 -39.73 -15.34
C ILE D 75 -42.90 -40.10 -16.30
N GLY D 76 -42.61 -40.09 -17.60
CA GLY D 76 -43.58 -40.39 -18.64
C GLY D 76 -44.33 -39.13 -19.07
N LYS D 77 -45.26 -39.32 -20.01
CA LYS D 77 -45.95 -38.23 -20.69
C LYS D 77 -47.21 -37.83 -19.90
N HIS D 78 -47.40 -36.52 -19.75
CA HIS D 78 -48.62 -35.92 -19.22
C HIS D 78 -48.81 -34.53 -19.86
N LYS D 79 -50.07 -34.08 -19.94
CA LYS D 79 -50.42 -32.83 -20.61
C LYS D 79 -49.92 -31.63 -19.80
N ASN D 80 -49.87 -31.77 -18.47
CA ASN D 80 -49.63 -30.65 -17.56
C ASN D 80 -48.21 -30.70 -16.98
N ILE D 81 -47.27 -31.34 -17.70
CA ILE D 81 -45.83 -31.26 -17.40
C ILE D 81 -45.09 -31.02 -18.72
N ILE D 82 -43.91 -30.37 -18.64
CA ILE D 82 -43.02 -30.24 -19.79
C ILE D 82 -42.47 -31.63 -20.11
N ASN D 83 -42.62 -32.05 -21.37
CA ASN D 83 -42.31 -33.41 -21.79
C ASN D 83 -41.04 -33.40 -22.65
N LEU D 84 -40.22 -34.45 -22.47
CA LEU D 84 -39.02 -34.71 -23.26
C LEU D 84 -39.44 -35.12 -24.68
N LEU D 85 -38.81 -34.51 -25.70
CA LEU D 85 -39.05 -34.83 -27.10
C LEU D 85 -37.87 -35.61 -27.68
N GLY D 86 -36.66 -35.28 -27.25
CA GLY D 86 -35.45 -35.92 -27.76
C GLY D 86 -34.19 -35.29 -27.18
N ALA D 87 -33.03 -35.76 -27.67
CA ALA D 87 -31.74 -35.31 -27.17
C ALA D 87 -30.67 -35.43 -28.27
N CYS D 88 -29.70 -34.53 -28.24
CA CYS D 88 -28.44 -34.69 -28.95
C CYS D 88 -27.34 -34.89 -27.89
N THR D 89 -26.86 -36.13 -27.78
CA THR D 89 -25.92 -36.54 -26.74
C THR D 89 -24.53 -36.86 -27.33
N GLN D 90 -24.50 -37.20 -28.63
CA GLN D 90 -23.33 -37.78 -29.27
C GLN D 90 -22.58 -36.73 -30.10
N ASP D 91 -21.25 -36.77 -29.99
CA ASP D 91 -20.32 -36.11 -30.92
C ASP D 91 -20.74 -34.64 -31.08
N GLY D 92 -20.75 -33.91 -29.96
CA GLY D 92 -21.14 -32.50 -29.88
C GLY D 92 -21.55 -32.12 -28.46
N PRO D 93 -22.01 -30.86 -28.22
CA PRO D 93 -22.53 -30.46 -26.91
C PRO D 93 -23.94 -31.03 -26.67
N LEU D 94 -24.29 -31.22 -25.40
CA LEU D 94 -25.55 -31.86 -24.99
C LEU D 94 -26.72 -30.89 -25.20
N TYR D 95 -27.63 -31.26 -26.10
CA TYR D 95 -28.90 -30.58 -26.30
C TYR D 95 -30.03 -31.50 -25.82
N VAL D 96 -30.75 -31.07 -24.77
CA VAL D 96 -31.98 -31.74 -24.31
C VAL D 96 -33.18 -30.99 -24.90
N ILE D 97 -33.95 -31.70 -25.74
CA ILE D 97 -35.08 -31.13 -26.47
C ILE D 97 -36.38 -31.41 -25.69
N VAL D 98 -37.11 -30.34 -25.35
CA VAL D 98 -38.36 -30.41 -24.59
C VAL D 98 -39.40 -29.55 -25.28
N GLU D 99 -40.67 -29.72 -24.87
CA GLU D 99 -41.82 -28.97 -25.40
C GLU D 99 -41.55 -27.46 -25.27
N TYR D 100 -42.09 -26.69 -26.22
CA TYR D 100 -42.04 -25.24 -26.20
C TYR D 100 -43.32 -24.70 -25.55
N ALA D 101 -43.15 -23.68 -24.70
CA ALA D 101 -44.25 -22.96 -24.05
C ALA D 101 -44.15 -21.46 -24.36
N SER D 102 -44.98 -20.99 -25.30
CA SER D 102 -44.79 -19.70 -25.97
C SER D 102 -45.11 -18.51 -25.06
N LYS D 103 -45.89 -18.71 -24.00
CA LYS D 103 -46.38 -17.61 -23.16
C LYS D 103 -45.55 -17.48 -21.87
N GLY D 104 -44.46 -18.26 -21.76
CA GLY D 104 -43.48 -18.09 -20.69
C GLY D 104 -43.94 -18.67 -19.36
N ASN D 105 -43.27 -18.27 -18.28
CA ASN D 105 -43.55 -18.79 -16.94
C ASN D 105 -44.83 -18.12 -16.41
N LEU D 106 -45.47 -18.78 -15.45
CA LEU D 106 -46.81 -18.44 -15.01
C LEU D 106 -46.79 -17.14 -14.22
N ARG D 107 -45.67 -16.81 -13.58
CA ARG D 107 -45.53 -15.60 -12.77
C ARG D 107 -45.61 -14.38 -13.68
N GLU D 108 -44.82 -14.37 -14.77
CA GLU D 108 -44.80 -13.25 -15.72
C GLU D 108 -46.12 -13.20 -16.49
N TYR D 109 -46.62 -14.37 -16.88
CA TYR D 109 -47.91 -14.53 -17.56
C TYR D 109 -49.03 -13.86 -16.77
N LEU D 110 -49.04 -14.05 -15.45
CA LEU D 110 -50.08 -13.53 -14.57
C LEU D 110 -49.88 -12.03 -14.34
N ARG D 111 -48.62 -11.60 -14.15
CA ARG D 111 -48.28 -10.18 -13.97
C ARG D 111 -48.61 -9.37 -15.23
N ALA D 112 -48.43 -9.99 -16.39
CA ALA D 112 -48.71 -9.38 -17.68
C ALA D 112 -50.22 -9.22 -17.90
N ARG D 113 -51.04 -10.03 -17.20
CA ARG D 113 -52.49 -9.97 -17.37
C ARG D 113 -53.17 -9.48 -16.09
N ARG D 114 -52.45 -8.70 -15.28
CA ARG D 114 -53.03 -7.96 -14.19
C ARG D 114 -53.83 -6.80 -14.74
N PRO D 115 -54.89 -6.35 -14.03
CA PRO D 115 -55.56 -5.08 -14.36
C PRO D 115 -54.51 -3.97 -14.43
N PRO D 116 -54.46 -3.19 -15.53
CA PRO D 116 -53.39 -2.20 -15.74
C PRO D 116 -53.30 -1.12 -14.65
N GLY D 117 -52.06 -0.74 -14.32
CA GLY D 117 -51.76 0.18 -13.21
C GLY D 117 -51.23 -0.55 -11.98
N MET D 118 -51.35 -1.88 -11.98
CA MET D 118 -50.92 -2.74 -10.86
C MET D 118 -49.38 -2.76 -10.80
N GLU D 119 -48.86 -3.34 -9.71
CA GLU D 119 -47.45 -3.23 -9.33
C GLU D 119 -46.55 -3.69 -10.48
N PTR D 120 -46.94 -4.75 -11.18
CA PTR D 120 -46.08 -5.34 -12.20
C PTR D 120 -46.56 -5.29 -13.65
O PTR D 120 -45.99 -5.95 -14.51
CB PTR D 120 -45.86 -6.79 -11.79
CG PTR D 120 -44.88 -6.86 -10.65
CD1 PTR D 120 -45.36 -6.90 -9.35
CD2 PTR D 120 -43.51 -6.86 -10.87
CE1 PTR D 120 -44.49 -6.95 -8.28
CE2 PTR D 120 -42.62 -6.91 -9.80
CZ PTR D 120 -43.12 -6.97 -8.49
OH PTR D 120 -42.26 -7.00 -7.42
P PTR D 120 -42.01 -8.34 -6.54
O1P PTR D 120 -43.38 -8.81 -6.10
O2P PTR D 120 -41.28 -9.28 -7.49
O3P PTR D 120 -41.21 -7.83 -5.36
N SER D 121 -47.58 -4.46 -13.93
CA SER D 121 -48.09 -4.31 -15.29
C SER D 121 -47.26 -3.28 -16.04
N PTR D 122 -46.59 -3.73 -17.12
CA PTR D 122 -45.84 -2.85 -18.00
C PTR D 122 -46.46 -2.92 -19.38
O PTR D 122 -46.74 -4.02 -19.88
CB PTR D 122 -44.37 -3.23 -18.14
CG PTR D 122 -43.72 -3.32 -16.79
CD1 PTR D 122 -43.30 -4.56 -16.32
CD2 PTR D 122 -43.53 -2.17 -16.03
CE1 PTR D 122 -42.70 -4.66 -15.08
CE2 PTR D 122 -42.93 -2.27 -14.78
CZ PTR D 122 -42.51 -3.53 -14.29
OH PTR D 122 -41.91 -3.71 -13.07
P PTR D 122 -41.39 -2.53 -12.10
O1P PTR D 122 -42.70 -1.84 -11.75
O2P PTR D 122 -40.76 -3.27 -10.95
O3P PTR D 122 -40.39 -1.71 -12.90
N ASP D 123 -46.64 -1.76 -20.01
CA ASP D 123 -47.28 -1.63 -21.33
C ASP D 123 -46.52 -2.47 -22.39
N ILE D 124 -45.21 -2.67 -22.22
CA ILE D 124 -44.38 -3.40 -23.19
C ILE D 124 -44.60 -4.93 -23.07
N ASN D 125 -45.03 -5.41 -21.91
CA ASN D 125 -45.20 -6.86 -21.66
C ASN D 125 -46.70 -7.23 -21.61
N ARG D 126 -47.54 -6.24 -21.31
CA ARG D 126 -48.92 -6.43 -20.82
C ARG D 126 -49.82 -6.90 -21.95
N VAL D 127 -50.69 -7.88 -21.64
CA VAL D 127 -51.76 -8.35 -22.52
C VAL D 127 -53.11 -8.15 -21.82
N PRO D 128 -53.73 -6.95 -21.88
CA PRO D 128 -54.97 -6.69 -21.13
C PRO D 128 -56.21 -7.27 -21.82
N GLU D 129 -56.09 -7.56 -23.13
CA GLU D 129 -57.11 -8.28 -23.92
C GLU D 129 -57.33 -9.71 -23.41
N GLU D 130 -56.30 -10.30 -22.77
CA GLU D 130 -56.36 -11.62 -22.17
C GLU D 130 -56.27 -11.48 -20.65
N GLN D 131 -56.96 -10.48 -20.09
CA GLN D 131 -56.99 -10.24 -18.63
C GLN D 131 -57.61 -11.44 -17.91
N MET D 132 -57.17 -11.68 -16.67
CA MET D 132 -57.36 -12.97 -15.98
C MET D 132 -58.69 -12.96 -15.20
N THR D 133 -59.61 -13.84 -15.58
CA THR D 133 -60.90 -13.99 -14.89
C THR D 133 -60.74 -14.96 -13.71
N PHE D 134 -61.77 -15.06 -12.88
CA PHE D 134 -61.74 -15.96 -11.72
C PHE D 134 -61.72 -17.41 -12.21
N LYS D 135 -62.58 -17.73 -13.20
CA LYS D 135 -62.67 -19.06 -13.76
C LYS D 135 -61.31 -19.45 -14.38
N ASP D 136 -60.63 -18.47 -14.97
CA ASP D 136 -59.30 -18.69 -15.56
C ASP D 136 -58.29 -19.13 -14.50
N LEU D 137 -58.28 -18.46 -13.35
CA LEU D 137 -57.34 -18.75 -12.25
C LEU D 137 -57.62 -20.14 -11.66
N VAL D 138 -58.90 -20.45 -11.42
CA VAL D 138 -59.31 -21.75 -10.92
C VAL D 138 -58.85 -22.83 -11.90
N SER D 139 -58.95 -22.55 -13.21
CA SER D 139 -58.57 -23.50 -14.25
C SER D 139 -57.04 -23.69 -14.32
N CYS D 140 -56.29 -22.64 -13.96
CA CYS D 140 -54.83 -22.74 -13.82
CA CYS D 140 -54.82 -22.76 -13.84
C CYS D 140 -54.48 -23.75 -12.72
N THR D 141 -55.08 -23.52 -11.53
CA THR D 141 -54.87 -24.32 -10.33
C THR D 141 -55.18 -25.80 -10.62
N TYR D 142 -56.37 -26.06 -11.19
CA TYR D 142 -56.84 -27.42 -11.45
C TYR D 142 -55.88 -28.15 -12.41
N GLN D 143 -55.44 -27.44 -13.45
CA GLN D 143 -54.50 -28.00 -14.42
C GLN D 143 -53.19 -28.41 -13.73
N LEU D 144 -52.76 -27.59 -12.78
CA LEU D 144 -51.49 -27.82 -12.08
C LEU D 144 -51.65 -28.96 -11.07
N ALA D 145 -52.84 -29.07 -10.47
CA ALA D 145 -53.17 -30.16 -9.55
C ALA D 145 -53.13 -31.50 -10.29
N ARG D 146 -53.60 -31.50 -11.55
CA ARG D 146 -53.58 -32.70 -12.38
C ARG D 146 -52.14 -33.12 -12.67
N GLY D 147 -51.34 -32.16 -13.13
CA GLY D 147 -49.90 -32.36 -13.31
C GLY D 147 -49.26 -32.97 -12.06
N MET D 148 -49.53 -32.38 -10.90
CA MET D 148 -48.91 -32.83 -9.65
C MET D 148 -49.50 -34.17 -9.21
N GLU D 149 -50.78 -34.43 -9.49
CA GLU D 149 -51.39 -35.71 -9.15
C GLU D 149 -50.70 -36.83 -9.93
N TYR D 150 -50.36 -36.53 -11.20
CA TYR D 150 -49.67 -37.48 -12.04
C TYR D 150 -48.28 -37.79 -11.46
N LEU D 151 -47.50 -36.75 -11.21
CA LEU D 151 -46.17 -36.87 -10.63
C LEU D 151 -46.21 -37.74 -9.37
N ALA D 152 -47.23 -37.54 -8.53
CA ALA D 152 -47.36 -38.26 -7.27
C ALA D 152 -47.73 -39.72 -7.52
N SER D 153 -48.49 -39.99 -8.59
CA SER D 153 -48.84 -41.36 -8.98
C SER D 153 -47.61 -42.11 -9.50
N GLN D 154 -46.60 -41.37 -9.97
CA GLN D 154 -45.32 -41.93 -10.40
C GLN D 154 -44.33 -41.99 -9.22
N LYS D 155 -44.84 -41.78 -8.01
CA LYS D 155 -44.07 -41.85 -6.76
C LYS D 155 -42.84 -40.95 -6.85
N CYS D 156 -43.05 -39.76 -7.44
CA CYS D 156 -42.03 -38.76 -7.65
CA CYS D 156 -42.03 -38.76 -7.65
C CYS D 156 -42.42 -37.48 -6.89
N ILE D 157 -41.42 -36.83 -6.28
CA ILE D 157 -41.60 -35.55 -5.60
C ILE D 157 -40.84 -34.48 -6.38
N HIS D 158 -41.38 -33.25 -6.38
CA HIS D 158 -40.89 -32.15 -7.19
C HIS D 158 -39.91 -31.31 -6.37
N ARG D 159 -40.40 -30.79 -5.22
CA ARG D 159 -39.60 -30.11 -4.20
C ARG D 159 -39.31 -28.64 -4.57
N ASP D 160 -39.83 -28.16 -5.70
CA ASP D 160 -39.52 -26.81 -6.18
C ASP D 160 -40.72 -26.28 -6.99
N LEU D 161 -41.92 -26.52 -6.45
CA LEU D 161 -43.17 -26.17 -7.11
C LEU D 161 -43.47 -24.69 -6.88
N THR D 162 -43.15 -23.88 -7.88
CA THR D 162 -43.25 -22.42 -7.83
C THR D 162 -43.78 -21.93 -9.18
N ALA D 163 -44.42 -20.76 -9.17
CA ALA D 163 -45.03 -20.17 -10.35
C ALA D 163 -43.98 -19.97 -11.46
N ARG D 164 -42.75 -19.58 -11.07
CA ARG D 164 -41.62 -19.39 -11.98
C ARG D 164 -41.23 -20.69 -12.69
N ASN D 165 -41.60 -21.84 -12.10
CA ASN D 165 -41.23 -23.16 -12.62
C ASN D 165 -42.45 -23.83 -13.26
N VAL D 166 -43.50 -23.05 -13.52
CA VAL D 166 -44.64 -23.45 -14.32
C VAL D 166 -44.59 -22.64 -15.61
N LEU D 167 -44.69 -23.33 -16.76
CA LEU D 167 -44.70 -22.70 -18.09
C LEU D 167 -46.11 -22.77 -18.68
N VAL D 168 -46.37 -21.88 -19.65
CA VAL D 168 -47.67 -21.74 -20.30
C VAL D 168 -47.48 -21.86 -21.81
N THR D 169 -48.19 -22.79 -22.46
CA THR D 169 -48.11 -22.98 -23.90
C THR D 169 -48.99 -21.94 -24.62
N GLU D 170 -48.96 -21.99 -25.96
CA GLU D 170 -49.73 -21.12 -26.84
C GLU D 170 -51.24 -21.26 -26.54
N ASN D 171 -51.67 -22.48 -26.21
CA ASN D 171 -53.09 -22.78 -25.94
C ASN D 171 -53.41 -22.68 -24.44
N ASN D 172 -52.59 -21.91 -23.71
CA ASN D 172 -52.79 -21.62 -22.28
C ASN D 172 -52.96 -22.91 -21.48
N VAL D 173 -52.13 -23.92 -21.78
CA VAL D 173 -52.03 -25.13 -20.99
C VAL D 173 -50.93 -24.92 -19.96
N MET D 174 -51.22 -25.17 -18.68
CA MET D 174 -50.22 -25.03 -17.63
C MET D 174 -49.33 -26.28 -17.64
N LYS D 175 -48.01 -26.07 -17.65
CA LYS D 175 -47.03 -27.16 -17.66
C LYS D 175 -46.02 -26.96 -16.53
N ILE D 176 -45.93 -27.94 -15.64
CA ILE D 176 -44.96 -27.99 -14.54
C ILE D 176 -43.59 -28.33 -15.14
N ALA D 177 -42.55 -27.63 -14.68
CA ALA D 177 -41.21 -27.69 -15.25
C ALA D 177 -40.17 -27.76 -14.12
N ASP D 178 -38.88 -27.74 -14.50
CA ASP D 178 -37.69 -27.90 -13.63
C ASP D 178 -37.82 -29.15 -12.74
N PHE D 179 -37.28 -30.27 -13.21
CA PHE D 179 -37.20 -31.51 -12.43
C PHE D 179 -35.78 -31.68 -11.88
N GLY D 180 -35.07 -30.56 -11.68
CA GLY D 180 -33.71 -30.57 -11.16
C GLY D 180 -33.63 -31.21 -9.78
N LEU D 181 -34.50 -30.76 -8.86
CA LEU D 181 -34.49 -31.19 -7.47
C LEU D 181 -35.43 -32.39 -7.27
N ALA D 182 -36.13 -32.80 -8.33
CA ALA D 182 -37.09 -33.90 -8.27
C ALA D 182 -36.38 -35.21 -7.91
N ARG D 183 -37.06 -36.05 -7.12
CA ARG D 183 -36.50 -37.30 -6.59
C ARG D 183 -37.57 -38.40 -6.66
N ASP D 184 -37.12 -39.64 -6.76
CA ASP D 184 -37.98 -40.82 -6.80
C ASP D 184 -38.01 -41.44 -5.40
N ILE D 185 -39.21 -41.68 -4.89
CA ILE D 185 -39.40 -42.25 -3.56
C ILE D 185 -40.34 -43.45 -3.69
N ASN D 186 -40.07 -44.31 -4.68
CA ASN D 186 -40.93 -45.46 -4.98
C ASN D 186 -40.88 -46.49 -3.86
N ASN D 187 -39.66 -46.89 -3.47
CA ASN D 187 -39.44 -47.97 -2.50
C ASN D 187 -39.18 -47.37 -1.12
N ILE D 188 -38.22 -46.44 -1.05
CA ILE D 188 -38.09 -45.54 0.09
C ILE D 188 -39.41 -44.77 0.17
N ASP D 189 -40.06 -44.73 1.33
CA ASP D 189 -41.41 -44.15 1.38
C ASP D 189 -41.31 -42.63 1.39
N PTR D 190 -40.16 -42.11 1.83
CA PTR D 190 -39.92 -40.69 1.98
C PTR D 190 -38.49 -40.45 1.66
O PTR D 190 -37.74 -41.41 1.46
CB PTR D 190 -40.21 -40.22 3.40
CG PTR D 190 -39.33 -40.97 4.37
CD1 PTR D 190 -39.52 -42.32 4.59
CD2 PTR D 190 -38.32 -40.29 5.03
CE1 PTR D 190 -38.70 -43.02 5.48
CE2 PTR D 190 -37.50 -40.98 5.92
CZ PTR D 190 -37.68 -42.34 6.15
OH PTR D 190 -36.86 -43.00 7.03
P PTR D 190 -37.41 -43.88 8.26
O1P PTR D 190 -38.83 -43.39 8.45
O2P PTR D 190 -37.29 -45.29 7.71
O3P PTR D 190 -36.45 -43.53 9.37
N PTR D 191 -38.13 -39.16 1.54
CA PTR D 191 -36.80 -38.71 1.19
C PTR D 191 -36.13 -38.12 2.40
O PTR D 191 -36.74 -37.30 3.10
CB PTR D 191 -36.94 -37.62 0.14
CG PTR D 191 -35.59 -37.19 -0.42
CD1 PTR D 191 -35.00 -37.94 -1.42
CD2 PTR D 191 -34.98 -36.03 0.05
CE1 PTR D 191 -33.78 -37.55 -1.94
CE2 PTR D 191 -33.75 -35.64 -0.47
CZ PTR D 191 -33.14 -36.39 -1.48
OH PTR D 191 -31.97 -36.04 -2.09
P PTR D 191 -30.66 -35.28 -1.51
O1P PTR D 191 -30.88 -34.86 -0.08
O2P PTR D 191 -30.45 -34.12 -2.46
O3P PTR D 191 -29.66 -36.39 -1.64
N LYS D 192 -34.89 -38.53 2.67
CA LYS D 192 -34.07 -37.96 3.73
C LYS D 192 -33.19 -36.86 3.16
N LYS D 193 -33.40 -35.63 3.64
CA LYS D 193 -32.77 -34.42 3.09
C LYS D 193 -31.30 -34.35 3.51
N THR D 194 -30.52 -33.54 2.79
CA THR D 194 -29.18 -33.13 3.21
C THR D 194 -29.33 -31.94 4.17
N THR D 195 -28.22 -31.62 4.86
CA THR D 195 -28.09 -30.37 5.63
C THR D 195 -27.72 -29.26 4.64
N ASN D 196 -28.47 -28.16 4.71
CA ASN D 196 -28.39 -27.03 3.79
C ASN D 196 -28.94 -27.48 2.42
N GLY D 197 -30.26 -27.69 2.37
CA GLY D 197 -30.96 -28.03 1.12
C GLY D 197 -31.12 -26.80 0.23
N ARG D 198 -31.27 -27.04 -1.08
CA ARG D 198 -31.33 -25.98 -2.09
C ARG D 198 -32.78 -25.78 -2.54
N LEU D 199 -33.70 -25.68 -1.57
CA LEU D 199 -35.13 -25.48 -1.83
C LEU D 199 -35.56 -24.11 -1.32
N PRO D 200 -36.46 -23.38 -2.03
CA PRO D 200 -36.91 -22.06 -1.61
C PRO D 200 -37.82 -22.10 -0.36
N VAL D 201 -37.50 -21.25 0.63
CA VAL D 201 -37.95 -21.44 2.00
C VAL D 201 -39.44 -21.07 2.14
N LYS D 202 -39.89 -20.09 1.35
CA LYS D 202 -41.27 -19.59 1.44
C LYS D 202 -42.27 -20.59 0.83
N TRP D 203 -41.77 -21.58 0.08
CA TRP D 203 -42.59 -22.63 -0.52
C TRP D 203 -42.44 -23.95 0.23
N MET D 204 -41.57 -23.99 1.26
CA MET D 204 -41.17 -25.23 1.90
C MET D 204 -42.12 -25.52 3.07
N ALA D 205 -42.49 -26.79 3.20
CA ALA D 205 -43.32 -27.30 4.28
C ALA D 205 -42.50 -27.38 5.55
N PRO D 206 -43.10 -27.25 6.75
CA PRO D 206 -42.34 -27.28 8.00
C PRO D 206 -41.46 -28.54 8.19
N GLU D 207 -41.92 -29.70 7.70
CA GLU D 207 -41.17 -30.96 7.83
C GLU D 207 -39.87 -30.86 7.02
N ALA D 208 -39.99 -30.39 5.78
CA ALA D 208 -38.86 -30.23 4.89
C ALA D 208 -37.85 -29.26 5.50
N LEU D 209 -38.37 -28.25 6.21
CA LEU D 209 -37.58 -27.16 6.74
C LEU D 209 -36.84 -27.61 8.02
N PHE D 210 -37.55 -28.30 8.90
CA PHE D 210 -37.07 -28.58 10.26
C PHE D 210 -36.63 -30.04 10.42
N ASP D 211 -37.38 -30.99 9.85
CA ASP D 211 -37.25 -32.43 10.14
C ASP D 211 -36.49 -33.18 9.04
N ARG D 212 -36.05 -32.46 8.00
CA ARG D 212 -35.27 -33.05 6.90
C ARG D 212 -36.01 -34.27 6.33
N VAL D 213 -37.32 -34.14 6.09
CA VAL D 213 -38.09 -35.17 5.37
C VAL D 213 -38.94 -34.50 4.28
N TYR D 214 -39.24 -35.27 3.24
CA TYR D 214 -40.07 -34.82 2.14
C TYR D 214 -40.93 -35.97 1.64
N THR D 215 -42.24 -35.77 1.67
CA THR D 215 -43.21 -36.67 1.10
C THR D 215 -44.03 -35.89 0.06
N HIS D 216 -44.99 -36.58 -0.57
CA HIS D 216 -45.93 -35.93 -1.49
C HIS D 216 -46.73 -34.85 -0.75
N GLN D 217 -46.93 -35.03 0.55
CA GLN D 217 -47.69 -34.08 1.38
C GLN D 217 -46.89 -32.77 1.57
N SER D 218 -45.58 -32.81 1.34
CA SER D 218 -44.74 -31.62 1.35
C SER D 218 -44.95 -30.80 0.05
N ASP D 219 -45.20 -31.50 -1.06
CA ASP D 219 -45.54 -30.89 -2.34
C ASP D 219 -46.92 -30.21 -2.24
N VAL D 220 -47.84 -30.82 -1.49
CA VAL D 220 -49.18 -30.27 -1.28
C VAL D 220 -49.06 -28.88 -0.65
N TRP D 221 -48.19 -28.76 0.36
CA TRP D 221 -47.95 -27.48 1.01
C TRP D 221 -47.47 -26.47 -0.03
N SER D 222 -46.46 -26.86 -0.81
CA SER D 222 -45.92 -26.00 -1.87
C SER D 222 -47.03 -25.59 -2.84
N PHE D 223 -47.92 -26.54 -3.16
CA PHE D 223 -49.09 -26.27 -4.01
C PHE D 223 -49.99 -25.21 -3.35
N GLY D 224 -50.09 -25.28 -2.03
CA GLY D 224 -50.81 -24.28 -1.25
C GLY D 224 -50.33 -22.87 -1.54
N VAL D 225 -49.00 -22.71 -1.61
CA VAL D 225 -48.35 -21.42 -1.82
C VAL D 225 -48.55 -21.00 -3.29
N LEU D 226 -48.42 -21.96 -4.21
CA LEU D 226 -48.61 -21.73 -5.64
C LEU D 226 -50.03 -21.17 -5.90
N MET D 227 -51.05 -21.74 -5.22
CA MET D 227 -52.42 -21.23 -5.29
C MET D 227 -52.44 -19.74 -4.91
N TRP D 228 -51.82 -19.41 -3.77
CA TRP D 228 -51.75 -18.03 -3.29
C TRP D 228 -51.09 -17.16 -4.37
N GLU D 229 -49.93 -17.60 -4.87
CA GLU D 229 -49.24 -16.95 -5.98
C GLU D 229 -50.22 -16.67 -7.12
N ILE D 230 -51.00 -17.69 -7.51
CA ILE D 230 -51.88 -17.58 -8.66
C ILE D 230 -52.99 -16.53 -8.40
N PHE D 231 -53.63 -16.57 -7.23
CA PHE D 231 -54.77 -15.70 -6.96
C PHE D 231 -54.32 -14.30 -6.52
N THR D 232 -53.01 -14.07 -6.41
CA THR D 232 -52.46 -12.72 -6.30
C THR D 232 -51.84 -12.31 -7.65
N LEU D 233 -52.18 -13.05 -8.71
CA LEU D 233 -51.72 -12.79 -10.07
C LEU D 233 -50.21 -12.55 -10.07
N GLY D 234 -49.48 -13.47 -9.45
CA GLY D 234 -48.01 -13.48 -9.47
C GLY D 234 -47.39 -12.76 -8.28
N GLY D 235 -48.15 -12.60 -7.18
CA GLY D 235 -47.61 -12.07 -5.94
C GLY D 235 -46.51 -12.97 -5.41
N SER D 236 -45.67 -12.44 -4.51
CA SER D 236 -44.63 -13.25 -3.87
C SER D 236 -44.99 -13.49 -2.41
N PRO D 237 -44.89 -14.75 -1.93
CA PRO D 237 -45.44 -15.16 -0.64
C PRO D 237 -44.87 -14.40 0.56
N TYR D 238 -45.58 -14.49 1.69
CA TYR D 238 -45.27 -13.78 2.95
C TYR D 238 -44.67 -12.42 2.62
N PRO D 239 -45.41 -11.52 1.95
CA PRO D 239 -44.88 -10.23 1.52
C PRO D 239 -44.43 -9.38 2.72
N GLY D 240 -43.20 -8.86 2.63
CA GLY D 240 -42.62 -7.99 3.65
C GLY D 240 -41.86 -8.76 4.72
N ILE D 241 -42.13 -10.06 4.82
CA ILE D 241 -41.54 -10.92 5.84
C ILE D 241 -40.27 -11.55 5.27
N PRO D 242 -39.09 -11.30 5.86
CA PRO D 242 -37.84 -11.88 5.36
C PRO D 242 -37.69 -13.34 5.78
N VAL D 243 -36.90 -14.10 5.02
CA VAL D 243 -36.72 -15.53 5.19
C VAL D 243 -36.23 -15.83 6.61
N GLU D 244 -35.29 -15.02 7.12
CA GLU D 244 -34.74 -15.17 8.48
C GLU D 244 -35.89 -15.19 9.50
N GLU D 245 -36.85 -14.29 9.32
CA GLU D 245 -37.92 -14.01 10.27
C GLU D 245 -39.13 -14.93 10.05
N LEU D 246 -39.05 -15.82 9.04
CA LEU D 246 -40.17 -16.69 8.66
C LEU D 246 -40.14 -17.99 9.48
N PHE D 247 -38.95 -18.53 9.69
CA PHE D 247 -38.74 -19.75 10.47
C PHE D 247 -39.56 -19.71 11.78
N LYS D 248 -39.37 -18.63 12.56
CA LYS D 248 -40.01 -18.49 13.87
C LYS D 248 -41.53 -18.37 13.71
N LEU D 249 -41.98 -17.65 12.67
CA LEU D 249 -43.41 -17.35 12.45
C LEU D 249 -44.19 -18.63 12.12
N LEU D 250 -43.60 -19.51 11.30
CA LEU D 250 -44.23 -20.78 10.92
C LEU D 250 -44.39 -21.69 12.14
N LYS D 251 -43.39 -21.69 13.03
CA LYS D 251 -43.41 -22.46 14.27
C LYS D 251 -44.49 -21.91 15.23
N GLU D 252 -44.81 -20.62 15.12
CA GLU D 252 -45.87 -19.98 15.92
C GLU D 252 -47.25 -20.17 15.27
N GLY D 253 -47.28 -20.67 14.02
CA GLY D 253 -48.52 -21.05 13.33
C GLY D 253 -49.05 -19.94 12.42
N HIS D 254 -48.19 -18.98 12.07
CA HIS D 254 -48.53 -17.91 11.13
C HIS D 254 -48.80 -18.51 9.75
N ARG D 255 -49.87 -18.02 9.10
CA ARG D 255 -50.22 -18.40 7.73
C ARG D 255 -50.57 -17.11 6.97
N MET D 256 -50.52 -17.19 5.63
CA MET D 256 -50.80 -16.03 4.78
C MET D 256 -52.31 -15.73 4.77
N ASP D 257 -52.65 -14.44 4.65
CA ASP D 257 -54.04 -14.00 4.56
C ASP D 257 -54.61 -14.41 3.20
N LYS D 258 -55.93 -14.27 3.07
CA LYS D 258 -56.65 -14.52 1.85
C LYS D 258 -56.29 -13.46 0.82
N PRO D 259 -55.91 -13.86 -0.42
CA PRO D 259 -55.83 -12.91 -1.54
C PRO D 259 -57.22 -12.31 -1.80
N ALA D 260 -57.24 -11.06 -2.26
CA ALA D 260 -58.46 -10.33 -2.50
C ALA D 260 -59.28 -10.98 -3.62
N ASN D 261 -58.60 -11.46 -4.66
CA ASN D 261 -59.24 -12.05 -5.84
C ASN D 261 -59.44 -13.55 -5.63
N CYS D 262 -60.06 -13.92 -4.51
CA CYS D 262 -60.09 -15.32 -4.03
C CYS D 262 -61.27 -15.51 -3.07
N THR D 263 -62.06 -16.56 -3.31
CA THR D 263 -63.23 -16.85 -2.49
C THR D 263 -62.79 -17.42 -1.14
N ASN D 264 -63.75 -17.52 -0.23
CA ASN D 264 -63.56 -18.08 1.11
C ASN D 264 -63.25 -19.58 1.00
N GLU D 265 -63.87 -20.22 0.00
CA GLU D 265 -63.75 -21.65 -0.24
C GLU D 265 -62.30 -21.99 -0.64
N LEU D 266 -61.78 -21.28 -1.66
CA LEU D 266 -60.44 -21.54 -2.17
C LEU D 266 -59.39 -21.26 -1.09
N TYR D 267 -59.59 -20.21 -0.29
CA TYR D 267 -58.68 -19.88 0.80
C TYR D 267 -58.62 -21.03 1.80
N MET D 268 -59.78 -21.63 2.10
CA MET D 268 -59.85 -22.76 3.02
C MET D 268 -59.07 -23.94 2.44
N MET D 269 -59.06 -24.09 1.10
CA MET D 269 -58.31 -25.12 0.41
C MET D 269 -56.80 -24.91 0.59
N MET D 270 -56.35 -23.65 0.46
CA MET D 270 -54.96 -23.27 0.72
C MET D 270 -54.58 -23.62 2.15
N ARG D 271 -55.47 -23.32 3.10
CA ARG D 271 -55.18 -23.50 4.52
C ARG D 271 -55.20 -24.99 4.89
N ASP D 272 -56.04 -25.76 4.19
CA ASP D 272 -56.01 -27.23 4.28
C ASP D 272 -54.62 -27.72 3.82
N CYS D 273 -54.12 -27.15 2.72
CA CYS D 273 -52.77 -27.44 2.21
C CYS D 273 -51.70 -27.09 3.25
N TRP D 274 -51.93 -26.05 4.07
CA TRP D 274 -50.92 -25.55 5.02
C TRP D 274 -51.17 -26.07 6.45
N HIS D 275 -51.79 -27.25 6.58
CA HIS D 275 -51.91 -27.94 7.85
C HIS D 275 -50.52 -28.37 8.31
N ALA D 276 -50.31 -28.40 9.63
CA ALA D 276 -48.98 -28.63 10.23
C ALA D 276 -48.63 -30.13 10.27
N VAL D 277 -49.66 -30.98 10.15
CA VAL D 277 -49.53 -32.43 10.17
C VAL D 277 -49.79 -32.94 8.76
N PRO D 278 -48.73 -33.22 7.95
CA PRO D 278 -48.89 -33.59 6.54
C PRO D 278 -50.02 -34.54 6.12
N SER D 279 -50.47 -35.42 7.03
CA SER D 279 -51.57 -36.36 6.74
C SER D 279 -52.94 -35.67 6.77
N GLN D 280 -53.04 -34.56 7.49
CA GLN D 280 -54.29 -33.78 7.64
C GLN D 280 -54.50 -32.87 6.40
N ARG D 281 -53.44 -32.69 5.60
CA ARG D 281 -53.51 -32.00 4.34
C ARG D 281 -54.21 -32.89 3.31
N PRO D 282 -54.86 -32.32 2.28
CA PRO D 282 -55.42 -33.13 1.22
C PRO D 282 -54.29 -33.80 0.41
N THR D 283 -54.63 -34.88 -0.30
CA THR D 283 -53.75 -35.46 -1.31
C THR D 283 -54.04 -34.75 -2.63
N PHE D 284 -53.16 -34.92 -3.61
CA PHE D 284 -53.35 -34.28 -4.91
C PHE D 284 -54.62 -34.84 -5.56
N LYS D 285 -54.90 -36.13 -5.33
CA LYS D 285 -56.14 -36.77 -5.79
C LYS D 285 -57.34 -36.01 -5.22
N GLN D 286 -57.28 -35.64 -3.94
CA GLN D 286 -58.36 -34.93 -3.26
C GLN D 286 -58.51 -33.50 -3.79
N LEU D 287 -57.40 -32.86 -4.16
CA LEU D 287 -57.41 -31.48 -4.71
C LEU D 287 -58.01 -31.46 -6.11
N VAL D 288 -57.74 -32.50 -6.91
CA VAL D 288 -58.23 -32.62 -8.26
C VAL D 288 -59.75 -32.78 -8.24
N GLU D 289 -60.23 -33.64 -7.33
CA GLU D 289 -61.68 -33.81 -7.06
C GLU D 289 -62.30 -32.43 -6.77
N ASP D 290 -61.77 -31.76 -5.75
CA ASP D 290 -62.36 -30.52 -5.20
C ASP D 290 -62.29 -29.38 -6.21
N LEU D 291 -61.20 -29.28 -6.99
CA LEU D 291 -60.99 -28.15 -7.91
C LEU D 291 -61.88 -28.30 -9.16
N ASP D 292 -62.06 -29.53 -9.66
CA ASP D 292 -62.93 -29.80 -10.80
C ASP D 292 -64.37 -29.39 -10.45
N ARG D 293 -64.78 -29.80 -9.23
CA ARG D 293 -66.08 -29.48 -8.68
C ARG D 293 -66.30 -27.96 -8.71
N ILE D 294 -65.31 -27.19 -8.22
CA ILE D 294 -65.40 -25.72 -8.14
C ILE D 294 -65.33 -25.11 -9.54
N LEU D 295 -64.52 -25.70 -10.43
CA LEU D 295 -64.36 -25.17 -11.78
C LEU D 295 -65.68 -25.28 -12.54
N THR D 296 -66.42 -26.36 -12.29
CA THR D 296 -67.71 -26.62 -12.94
C THR D 296 -68.75 -25.60 -12.48
N LEU D 297 -68.76 -25.29 -11.19
CA LEU D 297 -69.77 -24.43 -10.57
C LEU D 297 -69.54 -22.95 -10.92
N THR D 298 -68.34 -22.60 -11.38
CA THR D 298 -67.98 -21.21 -11.68
C THR D 298 -68.58 -20.78 -13.02
CBG 9WX E . 19.46 13.64 7.21
CBF 9WX E . 20.54 12.69 7.74
OBE 9WX E . 20.05 11.33 7.79
C 9WX E . 19.86 10.81 6.54
O 9WX E . 18.83 10.94 5.89
CA 9WX E . 21.03 10.01 5.96
N 9WX E . 21.56 9.00 6.92
CBA 9WX E . 21.05 8.47 8.05
CAY 9WX E . 22.76 8.44 6.72
NAX 9WX E . 23.01 7.56 7.69
CAW 9WX E . 21.95 7.58 8.49
SAV 9WX E . 21.84 6.59 9.97
OBH 9WX E . 21.89 7.56 11.16
OBI 9WX E . 23.10 5.70 9.99
NAU 9WX E . 20.39 5.54 10.13
CAQ 9WX E . 19.07 5.66 9.89
NAR 9WX E . 18.31 6.66 9.38
CAT 9WX E . 20.58 4.32 10.65
CAS 9WX E . 19.42 3.69 10.70
CAP 9WX E . 18.48 4.50 10.24
NAO 9WX E . 17.16 4.31 10.09
CAN 9WX E . 16.37 5.34 9.56
CAM 9WX E . 16.98 6.54 9.20
CAL 9WX E . 16.15 7.55 8.67
CAK 9WX E . 16.85 8.91 8.44
CAD 9WX E . 16.01 9.80 7.73
CAE 9WX E . 15.77 9.61 6.36
CAC 9WX E . 15.42 10.89 8.37
CAB 9WX E . 14.60 11.78 7.66
OAI 9WX E . 14.05 12.83 8.38
CAJ 9WX E . 13.45 13.97 7.72
CAA 9WX E . 14.36 11.57 6.30
CAF 9WX E . 14.95 10.48 5.65
OAG 9WX E . 14.74 10.24 4.32
CAH 9WX E . 14.72 11.39 3.47
CBG 9WX F . 35.70 21.51 10.21
CBF 9WX F . 35.45 20.13 10.82
OBE 9WX F . 36.65 19.61 11.44
C 9WX F . 36.63 19.78 12.80
O 9WX F . 36.02 19.02 13.57
CA 9WX F . 37.40 21.04 13.31
N 9WX F . 38.04 20.81 14.66
CBA 9WX F . 38.58 19.65 14.99
CAY 9WX F . 38.18 21.65 15.69
NAX 9WX F . 38.80 21.00 16.67
CAW 9WX F . 39.06 19.77 16.22
SAV 9WX F . 39.85 18.40 17.07
OBH 9WX F . 39.79 17.17 16.16
OBI 9WX F . 39.02 18.11 18.33
NAU 9WX F . 41.50 18.66 17.49
CAQ 9WX F . 42.46 19.51 17.07
NAR 9WX F . 42.46 20.51 16.15
CAT 9WX F . 42.04 17.88 18.43
CAS 9WX F . 43.30 18.25 18.60
CAP 9WX F . 43.58 19.24 17.77
NAO 9WX F . 44.72 19.95 17.59
CAN 9WX F . 44.72 20.97 16.63
CAM 9WX F . 43.56 21.24 15.91
CAL 9WX F . 43.59 22.27 14.95
CAK 9WX F . 42.25 22.52 14.24
CAD 9WX F . 42.34 23.72 13.50
CAE 9WX F . 42.09 24.95 14.11
CAC 9WX F . 42.67 23.71 12.16
CAB 9WX F . 42.76 24.90 11.44
OAI 9WX F . 43.11 24.81 10.11
CAJ 9WX F . 42.52 25.77 9.21
CAA 9WX F . 42.51 26.13 12.06
CAF 9WX F . 42.17 26.14 13.42
OAG 9WX F . 41.92 27.29 14.12
CAH 9WX F . 41.46 28.46 13.45
CBG 9WX G . -21.29 -12.33 -2.38
CBF 9WX G . -21.24 -11.06 -3.19
OBE 9WX G . -20.91 -11.41 -4.53
C 9WX G . -20.95 -10.32 -5.32
O 9WX G . -20.19 -9.36 -5.18
CA 9WX G . -22.03 -10.36 -6.41
N 9WX G . -21.85 -9.21 -7.30
CBA 9WX G . -22.67 -8.16 -7.34
CAY 9WX G . -20.86 -9.01 -8.18
NAX 9WX G . -21.07 -7.84 -8.78
CAW 9WX G . -22.18 -7.33 -8.23
SAV 9WX G . -22.94 -5.78 -8.68
OBH 9WX G . -24.44 -5.91 -8.41
OBI 9WX G . -22.72 -5.59 -10.19
NAU 9WX G . -22.30 -4.31 -7.81
CAQ 9WX G . -21.76 -4.03 -6.60
NAR 9WX G . -21.46 -4.80 -5.53
CAT 9WX G . -22.37 -3.15 -8.48
CAS 9WX G . -21.87 -2.18 -7.72
CAP 9WX G . -21.49 -2.72 -6.57
NAO 9WX G . -20.94 -2.14 -5.48
CAN 9WX G . -20.63 -2.93 -4.37
CAM 9WX G . -20.90 -4.30 -4.41
CAL 9WX G . -20.57 -5.08 -3.28
CAK 9WX G . -20.83 -6.58 -3.47
CAD 9WX G . -20.36 -7.34 -2.38
CAE 9WX G . -19.04 -7.77 -2.38
CAC 9WX G . -21.19 -7.72 -1.33
CAB 9WX G . -20.70 -8.49 -0.28
OAI 9WX G . -21.55 -8.83 0.75
CAJ 9WX G . -21.21 -9.93 1.62
CAA 9WX G . -19.36 -8.89 -0.29
CAF 9WX G . -18.53 -8.55 -1.34
OAG 9WX G . -17.22 -8.93 -1.37
CAH 9WX G . -16.98 -10.28 -0.91
CBG 9WX H . -34.98 -25.93 -16.42
CBF 9WX H . -35.06 -24.46 -16.84
OBE 9WX H . -36.35 -24.13 -17.36
C 9WX H . -37.32 -23.99 -16.40
O 9WX H . -38.11 -24.88 -16.08
CA 9WX H . -37.36 -22.62 -15.69
N 9WX H . -37.63 -21.52 -16.63
CBA 9WX H . -37.43 -21.37 -17.94
CAY 9WX H . -38.18 -20.39 -16.17
NAX 9WX H . -38.33 -19.54 -17.19
CAW 9WX H . -37.87 -20.16 -18.29
SAV 9WX H . -37.84 -19.39 -19.94
OBH 9WX H . -36.40 -19.35 -20.45
OBI 9WX H . -38.33 -17.95 -19.70
NAU 9WX H . -38.88 -20.15 -21.21
CAQ 9WX H . -39.09 -21.41 -21.65
NAR 9WX H . -38.59 -22.60 -21.25
CAT 9WX H . -39.64 -19.35 -21.97
CAS 9WX H . -40.31 -20.09 -22.84
CAP 9WX H . -39.99 -21.35 -22.64
NAO 9WX H . -40.40 -22.46 -23.28
CAN 9WX H . -39.89 -23.70 -22.88
CAM 9WX H . -38.96 -23.76 -21.85
CAL 9WX H . -38.45 -25.02 -21.45
CAK 9WX H . -37.75 -25.02 -20.08
CAD 9WX H . -37.51 -26.34 -19.66
CAE 9WX H . -38.42 -27.02 -18.86
CAC 9WX H . -36.34 -26.98 -20.02
CAB 9WX H . -36.07 -28.28 -19.62
OAI 9WX H . -34.91 -28.84 -20.02
CAJ 9WX H . -34.43 -30.03 -19.37
CAA 9WX H . -36.98 -28.96 -18.83
CAF 9WX H . -38.15 -28.33 -18.44
OAG 9WX H . -39.06 -28.97 -17.67
CAH 9WX H . -38.52 -29.89 -16.71
#